data_1OI3
#
_entry.id   1OI3
#
_cell.length_a   96.465
_cell.length_b   97.364
_cell.length_c   86.213
_cell.angle_alpha   90.00
_cell.angle_beta   90.00
_cell.angle_gamma   90.00
#
_symmetry.space_group_name_H-M   'P 21 21 2'
#
loop_
_entity.id
_entity.type
_entity.pdbx_description
1 polymer 'HYPOTHETICAL PROTEIN YCGT'
2 non-polymer 'SULFATE ION'
3 water water
#
_entity_poly.entity_id   1
_entity_poly.type   'polypeptide(L)'
_entity_poly.pdbx_seq_one_letter_code
;MPYRNCWSKIMKKLINDVQDVLDEQLAGLAKAHPSLTLHQDPVYVTRADAPVAGKVALLSGGGSGHEPMHCGYIGQGMLS
GACPGEIFTSPTPDKIFECAMQVDGGEGVLLIIKNYTGDILNFETATELLHDSGVKVTTVVIDDDVAVKDSLYTAGRRGV
ANTVLIEKLVGAAAERGDSLDACAELGRKLNNQGHSIGIALGACTVPAAGKPSFTLADNEMEFGVGIHGEPGIDRRPFSS
LDQTVDEMFDTLLVNGSYHRTLRFWDYQQGSWQEEQQTKQPLQSGDRVIALVNNLGATPLSELYGVYNRLTTRCQQAGLT
IERNLIGAYCTSLDMTGFSITLLKVDDETLALWDAPVHTPALNWGK
;
_entity_poly.pdbx_strand_id   A,B
#
loop_
_chem_comp.id
_chem_comp.type
_chem_comp.name
_chem_comp.formula
SO4 non-polymer 'SULFATE ION' 'O4 S -2'
#
# COMPACT_ATOMS: atom_id res chain seq x y z
N ASP A 20 -17.82 -8.68 -17.50
CA ASP A 20 -17.40 -9.29 -16.21
C ASP A 20 -16.45 -8.38 -15.41
N VAL A 21 -16.79 -8.18 -14.15
CA VAL A 21 -15.97 -7.33 -13.32
C VAL A 21 -14.62 -7.97 -13.04
N LEU A 22 -14.58 -9.28 -12.84
CA LEU A 22 -13.30 -9.89 -12.48
C LEU A 22 -12.33 -9.75 -13.65
N ASP A 23 -12.91 -9.80 -14.84
CA ASP A 23 -12.20 -9.70 -16.11
C ASP A 23 -11.60 -8.32 -16.23
N GLU A 24 -12.38 -7.31 -15.85
CA GLU A 24 -11.98 -5.90 -15.93
C GLU A 24 -10.86 -5.63 -14.92
N GLN A 25 -10.99 -6.21 -13.74
CA GLN A 25 -9.96 -6.06 -12.72
C GLN A 25 -8.62 -6.66 -13.13
N LEU A 26 -8.62 -7.84 -13.76
CA LEU A 26 -7.37 -8.42 -14.20
C LEU A 26 -6.83 -7.68 -15.42
N ALA A 27 -7.71 -7.22 -16.31
CA ALA A 27 -7.21 -6.43 -17.43
C ALA A 27 -6.56 -5.16 -16.85
N GLY A 28 -7.11 -4.62 -15.78
CA GLY A 28 -6.56 -3.39 -15.21
C GLY A 28 -5.19 -3.65 -14.58
N LEU A 29 -5.07 -4.76 -13.87
CA LEU A 29 -3.79 -5.13 -13.30
C LEU A 29 -2.75 -5.26 -14.39
N ALA A 30 -3.09 -5.94 -15.48
CA ALA A 30 -2.17 -6.15 -16.60
C ALA A 30 -1.70 -4.85 -17.27
N LYS A 31 -2.65 -3.94 -17.49
CA LYS A 31 -2.36 -2.65 -18.14
C LYS A 31 -1.49 -1.80 -17.22
N ALA A 32 -1.73 -1.92 -15.91
CA ALA A 32 -0.98 -1.12 -14.96
C ALA A 32 0.48 -1.61 -14.77
N HIS A 33 0.73 -2.90 -15.00
CA HIS A 33 2.05 -3.48 -14.73
C HIS A 33 2.61 -4.26 -15.91
N PRO A 34 3.37 -3.57 -16.75
CA PRO A 34 4.01 -4.22 -17.91
C PRO A 34 5.01 -5.34 -17.49
N SER A 35 5.48 -5.40 -16.25
CA SER A 35 6.33 -6.54 -15.83
C SER A 35 5.51 -7.83 -15.73
N LEU A 36 4.19 -7.73 -15.85
CA LEU A 36 3.35 -8.93 -15.79
C LEU A 36 2.69 -9.24 -17.15
N THR A 37 2.35 -10.52 -17.34
CA THR A 37 1.68 -10.94 -18.56
C THR A 37 0.40 -11.67 -18.14
N LEU A 38 -0.74 -11.19 -18.60
CA LEU A 38 -2.02 -11.83 -18.25
C LEU A 38 -2.30 -12.83 -19.36
N HIS A 39 -2.49 -14.09 -19.02
CA HIS A 39 -2.77 -15.11 -20.05
C HIS A 39 -4.25 -15.40 -20.14
N GLN A 40 -4.72 -15.89 -21.30
CA GLN A 40 -6.11 -16.30 -21.42
C GLN A 40 -6.22 -17.74 -21.95
N ASP A 41 -7.28 -18.44 -21.54
CA ASP A 41 -7.52 -19.82 -21.96
C ASP A 41 -6.37 -20.77 -21.58
N PRO A 42 -6.17 -21.03 -20.29
CA PRO A 42 -6.97 -20.46 -19.22
C PRO A 42 -6.30 -19.18 -18.60
N VAL A 43 -7.03 -18.50 -17.73
CA VAL A 43 -6.55 -17.26 -17.16
C VAL A 43 -5.55 -17.52 -16.04
N TYR A 44 -4.44 -16.81 -16.08
CA TYR A 44 -3.43 -16.82 -14.99
C TYR A 44 -2.48 -15.65 -15.31
N VAL A 45 -1.60 -15.34 -14.38
CA VAL A 45 -0.67 -14.21 -14.53
C VAL A 45 0.78 -14.69 -14.31
N THR A 46 1.74 -14.26 -15.16
CA THR A 46 3.13 -14.57 -14.84
C THR A 46 4.01 -13.32 -14.98
N ARG A 47 5.27 -13.44 -14.56
CA ARG A 47 6.26 -12.42 -14.81
C ARG A 47 6.37 -12.39 -16.33
N ALA A 48 6.51 -11.19 -16.89
CA ALA A 48 6.66 -11.06 -18.37
C ALA A 48 7.93 -11.77 -18.86
N ASP A 49 8.93 -11.91 -18.00
CA ASP A 49 10.13 -12.61 -18.45
C ASP A 49 10.14 -14.14 -18.21
N ALA A 50 9.03 -14.70 -17.74
CA ALA A 50 8.98 -16.15 -17.48
C ALA A 50 8.83 -16.87 -18.83
N PRO A 51 9.36 -18.08 -18.98
CA PRO A 51 10.11 -18.79 -17.95
C PRO A 51 11.52 -18.27 -17.81
N VAL A 52 12.00 -18.21 -16.57
CA VAL A 52 13.37 -17.78 -16.31
C VAL A 52 14.12 -19.07 -16.17
N ALA A 53 15.03 -19.30 -17.11
CA ALA A 53 15.84 -20.50 -17.14
C ALA A 53 16.80 -20.61 -15.96
N GLY A 54 16.90 -21.81 -15.40
CA GLY A 54 17.90 -22.07 -14.39
C GLY A 54 17.59 -21.76 -12.94
N LYS A 55 16.38 -21.26 -12.64
CA LYS A 55 15.97 -21.01 -11.25
C LYS A 55 14.68 -21.76 -10.97
N VAL A 56 14.53 -22.19 -9.73
CA VAL A 56 13.27 -22.79 -9.29
C VAL A 56 12.16 -21.74 -9.53
N ALA A 57 11.01 -22.19 -10.02
CA ALA A 57 9.90 -21.24 -10.27
C ALA A 57 8.92 -21.36 -9.10
N LEU A 58 8.41 -20.23 -8.62
CA LEU A 58 7.51 -20.27 -7.47
C LEU A 58 6.12 -19.80 -7.86
N LEU A 59 5.11 -20.59 -7.47
CA LEU A 59 3.76 -20.22 -7.80
C LEU A 59 2.77 -20.35 -6.63
N SER A 60 1.77 -19.50 -6.62
CA SER A 60 0.65 -19.64 -5.69
C SER A 60 -0.66 -19.23 -6.39
N GLY A 61 -1.72 -19.18 -5.60
CA GLY A 61 -3.01 -18.75 -6.08
C GLY A 61 -4.06 -18.98 -5.04
N GLY A 62 -5.27 -18.59 -5.36
CA GLY A 62 -6.42 -18.76 -4.50
C GLY A 62 -7.54 -17.88 -5.06
N GLY A 63 -8.58 -17.68 -4.24
CA GLY A 63 -9.72 -16.91 -4.69
C GLY A 63 -9.33 -15.46 -4.82
N SER A 64 -10.01 -14.71 -5.69
CA SER A 64 -9.85 -13.25 -5.71
C SER A 64 -10.48 -12.77 -4.41
N GLY A 65 -10.21 -11.50 -4.07
CA GLY A 65 -10.71 -10.90 -2.85
C GLY A 65 -9.66 -10.77 -1.73
N HIS A 66 -8.41 -11.12 -2.03
CA HIS A 66 -7.33 -10.97 -1.02
C HIS A 66 -6.19 -10.07 -1.55
N GLU A 67 -6.43 -9.44 -2.71
CA GLU A 67 -5.48 -8.54 -3.40
C GLU A 67 -4.81 -7.62 -2.39
N PRO A 68 -3.49 -7.40 -2.47
CA PRO A 68 -2.61 -7.83 -3.57
C PRO A 68 -2.16 -9.30 -3.53
N MET A 69 -2.61 -10.10 -2.57
CA MET A 69 -2.18 -11.49 -2.62
C MET A 69 -3.06 -12.21 -3.67
N HIS A 70 -2.51 -12.96 -4.64
CA HIS A 70 -1.07 -13.23 -4.86
C HIS A 70 -0.48 -12.46 -6.09
N CYS A 71 -1.31 -11.81 -6.89
CA CYS A 71 -0.77 -11.18 -8.11
C CYS A 71 0.18 -10.01 -7.90
N GLY A 72 0.00 -9.32 -6.78
CA GLY A 72 0.88 -8.21 -6.44
C GLY A 72 2.26 -8.69 -6.02
N TYR A 73 2.43 -10.02 -5.88
CA TYR A 73 3.69 -10.63 -5.46
C TYR A 73 4.42 -11.32 -6.57
N ILE A 74 4.03 -11.04 -7.82
CA ILE A 74 4.70 -11.65 -8.97
C ILE A 74 5.85 -10.75 -9.40
N GLY A 75 7.05 -11.31 -9.49
CA GLY A 75 8.21 -10.52 -9.84
C GLY A 75 9.51 -11.09 -9.29
N GLN A 76 10.61 -10.46 -9.69
CA GLN A 76 11.92 -10.91 -9.32
C GLN A 76 12.02 -10.98 -7.82
N GLY A 77 12.58 -12.08 -7.33
CA GLY A 77 12.70 -12.28 -5.90
C GLY A 77 11.38 -12.73 -5.24
N MET A 78 10.34 -13.05 -6.00
CA MET A 78 9.12 -13.53 -5.30
C MET A 78 8.45 -14.50 -6.19
N LEU A 79 7.13 -14.37 -6.38
CA LEU A 79 6.44 -15.36 -7.25
C LEU A 79 6.80 -15.28 -8.72
N SER A 80 6.89 -16.44 -9.38
CA SER A 80 7.08 -16.43 -10.82
C SER A 80 5.72 -16.23 -11.50
N GLY A 81 4.63 -16.49 -10.75
CA GLY A 81 3.32 -16.38 -11.33
C GLY A 81 2.30 -16.75 -10.32
N ALA A 82 1.05 -16.46 -10.63
CA ALA A 82 -0.06 -16.77 -9.71
C ALA A 82 -1.38 -17.10 -10.46
N CYS A 83 -2.27 -17.81 -9.76
CA CYS A 83 -3.49 -18.24 -10.37
C CYS A 83 -4.75 -17.76 -9.62
N PRO A 84 -5.24 -16.59 -9.94
CA PRO A 84 -6.50 -16.14 -9.36
C PRO A 84 -7.70 -17.00 -9.72
N GLY A 85 -8.65 -17.14 -8.78
CA GLY A 85 -9.91 -17.81 -9.01
C GLY A 85 -10.98 -16.75 -8.83
N GLU A 86 -12.24 -17.16 -8.84
CA GLU A 86 -13.36 -16.25 -8.58
C GLU A 86 -13.28 -15.92 -7.12
N ILE A 87 -14.12 -14.98 -6.67
CA ILE A 87 -14.09 -14.53 -5.27
C ILE A 87 -14.12 -15.65 -4.23
N PHE A 88 -13.12 -15.63 -3.36
CA PHE A 88 -12.97 -16.63 -2.32
C PHE A 88 -13.05 -18.05 -2.86
N THR A 89 -12.70 -18.27 -4.14
CA THR A 89 -12.78 -19.60 -4.73
C THR A 89 -11.51 -20.04 -5.44
N SER A 90 -11.03 -21.23 -5.11
CA SER A 90 -9.78 -21.75 -5.66
C SER A 90 -9.78 -21.74 -7.17
N PRO A 91 -8.64 -21.45 -7.78
CA PRO A 91 -8.54 -21.57 -9.25
C PRO A 91 -8.69 -23.08 -9.59
N THR A 92 -9.23 -23.40 -10.75
CA THR A 92 -9.38 -24.79 -11.18
C THR A 92 -8.00 -25.32 -11.54
N PRO A 93 -7.83 -26.65 -11.55
CA PRO A 93 -6.52 -27.26 -11.81
C PRO A 93 -5.91 -26.92 -13.14
N ASP A 94 -6.70 -26.73 -14.21
CA ASP A 94 -6.17 -26.35 -15.50
C ASP A 94 -5.35 -25.05 -15.42
N LYS A 95 -5.82 -24.08 -14.65
CA LYS A 95 -5.12 -22.80 -14.55
C LYS A 95 -3.76 -23.01 -13.89
N ILE A 96 -3.75 -23.81 -12.84
CA ILE A 96 -2.51 -24.09 -12.11
C ILE A 96 -1.49 -24.86 -12.97
N PHE A 97 -1.99 -25.87 -13.67
CA PHE A 97 -1.08 -26.64 -14.52
C PHE A 97 -0.47 -25.76 -15.61
N GLU A 98 -1.28 -24.96 -16.27
CA GLU A 98 -0.80 -24.15 -17.41
C GLU A 98 0.13 -23.02 -16.90
N CYS A 99 -0.21 -22.45 -15.75
CA CYS A 99 0.68 -21.43 -15.20
C CYS A 99 2.04 -22.06 -14.84
N ALA A 100 2.05 -23.22 -14.21
CA ALA A 100 3.32 -23.88 -13.88
C ALA A 100 4.12 -24.26 -15.14
N MET A 101 3.45 -24.70 -16.18
CA MET A 101 4.18 -25.05 -17.39
C MET A 101 4.81 -23.82 -18.00
N GLN A 102 4.09 -22.70 -17.92
CA GLN A 102 4.58 -21.48 -18.51
C GLN A 102 5.81 -20.97 -17.76
N VAL A 103 5.88 -21.15 -16.44
CA VAL A 103 7.02 -20.61 -15.69
C VAL A 103 8.17 -21.53 -15.43
N ASP A 104 8.03 -22.81 -15.80
CA ASP A 104 9.00 -23.88 -15.52
C ASP A 104 10.31 -23.46 -16.15
N GLY A 105 11.34 -23.30 -15.32
CA GLY A 105 12.63 -22.85 -15.79
C GLY A 105 13.61 -24.02 -15.87
N GLY A 106 13.09 -25.23 -15.79
CA GLY A 106 13.93 -26.42 -15.88
C GLY A 106 14.43 -26.91 -14.55
N GLU A 107 14.23 -26.13 -13.48
CA GLU A 107 14.68 -26.54 -12.15
C GLU A 107 13.53 -26.94 -11.16
N GLY A 108 12.33 -27.17 -11.66
CA GLY A 108 11.21 -27.54 -10.83
C GLY A 108 10.33 -26.33 -10.53
N VAL A 109 9.10 -26.57 -10.10
CA VAL A 109 8.17 -25.51 -9.73
C VAL A 109 7.75 -25.85 -8.31
N LEU A 110 7.76 -24.86 -7.40
CA LEU A 110 7.34 -25.05 -6.03
C LEU A 110 5.93 -24.44 -5.86
N LEU A 111 4.95 -25.21 -5.35
CA LEU A 111 3.61 -24.67 -5.25
C LEU A 111 3.34 -24.26 -3.83
N ILE A 112 3.05 -22.99 -3.60
CA ILE A 112 2.67 -22.55 -2.25
C ILE A 112 1.15 -22.62 -2.14
N ILE A 113 0.63 -23.37 -1.18
CA ILE A 113 -0.83 -23.54 -1.12
C ILE A 113 -1.33 -23.12 0.27
N LYS A 114 -2.28 -22.20 0.36
CA LYS A 114 -2.89 -21.91 1.71
C LYS A 114 -3.85 -23.07 2.12
N ASN A 115 -3.89 -23.37 3.41
CA ASN A 115 -4.72 -24.47 3.92
C ASN A 115 -6.26 -24.24 3.92
N TYR A 116 -6.90 -24.50 2.79
CA TYR A 116 -8.37 -24.42 2.61
C TYR A 116 -8.70 -25.62 1.78
N THR A 117 -9.84 -26.21 2.09
CA THR A 117 -10.33 -27.37 1.36
C THR A 117 -10.21 -27.28 -0.15
N GLY A 118 -10.72 -26.20 -0.72
CA GLY A 118 -10.73 -26.04 -2.15
C GLY A 118 -9.34 -25.87 -2.74
N ASP A 119 -8.51 -25.08 -2.07
CA ASP A 119 -7.15 -24.84 -2.53
C ASP A 119 -6.39 -26.14 -2.45
N ILE A 120 -6.49 -26.87 -1.35
CA ILE A 120 -5.71 -28.11 -1.26
C ILE A 120 -6.13 -29.08 -2.38
N LEU A 121 -7.44 -29.25 -2.57
CA LEU A 121 -7.87 -30.15 -3.62
C LEU A 121 -7.33 -29.81 -5.05
N ASN A 122 -7.53 -28.56 -5.48
CA ASN A 122 -7.21 -28.14 -6.83
C ASN A 122 -5.71 -28.08 -7.04
N PHE A 123 -4.96 -27.57 -6.03
CA PHE A 123 -3.51 -27.56 -6.20
C PHE A 123 -2.91 -28.97 -6.14
N GLU A 124 -3.47 -29.86 -5.33
CA GLU A 124 -2.91 -31.20 -5.29
C GLU A 124 -3.26 -31.90 -6.58
N THR A 125 -4.45 -31.64 -7.13
CA THR A 125 -4.75 -32.20 -8.48
C THR A 125 -3.81 -31.68 -9.60
N ALA A 126 -3.50 -30.40 -9.55
CA ALA A 126 -2.59 -29.87 -10.59
C ALA A 126 -1.21 -30.51 -10.45
N THR A 127 -0.81 -30.70 -9.19
CA THR A 127 0.47 -31.27 -8.83
C THR A 127 0.65 -32.64 -9.50
N GLU A 128 -0.38 -33.48 -9.44
CA GLU A 128 -0.29 -34.80 -10.06
C GLU A 128 -0.25 -34.70 -11.58
N LEU A 129 -1.08 -33.84 -12.15
CA LEU A 129 -1.09 -33.61 -13.61
C LEU A 129 0.30 -33.12 -14.04
N LEU A 130 0.89 -32.24 -13.24
CA LEU A 130 2.22 -31.72 -13.60
C LEU A 130 3.18 -32.91 -13.57
N HIS A 131 3.17 -33.65 -12.48
CA HIS A 131 4.06 -34.80 -12.35
C HIS A 131 3.93 -35.74 -13.55
N ASP A 132 2.69 -36.06 -13.92
CA ASP A 132 2.46 -36.91 -15.08
C ASP A 132 2.98 -36.35 -16.40
N SER A 133 3.24 -35.05 -16.45
CA SER A 133 3.71 -34.42 -17.67
C SER A 133 5.22 -34.16 -17.60
N GLY A 134 5.85 -34.66 -16.53
CA GLY A 134 7.30 -34.62 -16.42
C GLY A 134 7.90 -33.47 -15.65
N VAL A 135 7.04 -32.60 -15.16
CA VAL A 135 7.50 -31.44 -14.42
C VAL A 135 7.79 -31.87 -12.98
N LYS A 136 8.98 -31.52 -12.51
CA LYS A 136 9.39 -31.76 -11.15
C LYS A 136 8.71 -30.69 -10.28
N VAL A 137 7.82 -31.16 -9.43
CA VAL A 137 7.08 -30.25 -8.63
C VAL A 137 7.05 -30.71 -7.18
N THR A 138 6.91 -29.74 -6.28
CA THR A 138 6.61 -30.08 -4.89
C THR A 138 5.80 -28.97 -4.26
N THR A 139 5.38 -29.15 -3.01
CA THR A 139 4.41 -28.26 -2.43
C THR A 139 4.79 -27.80 -1.04
N VAL A 140 4.19 -26.68 -0.68
CA VAL A 140 4.37 -26.21 0.71
C VAL A 140 2.97 -25.74 1.14
N VAL A 141 2.46 -26.28 2.24
CA VAL A 141 1.16 -25.89 2.77
C VAL A 141 1.34 -24.86 3.89
N ILE A 142 0.48 -23.82 3.88
CA ILE A 142 0.56 -22.76 4.91
C ILE A 142 -0.65 -22.84 5.85
N ASP A 143 -0.39 -22.98 7.16
CA ASP A 143 -1.48 -23.05 8.17
C ASP A 143 -1.19 -22.25 9.45
N ASP A 144 -0.79 -20.99 9.25
CA ASP A 144 -0.38 -20.07 10.29
C ASP A 144 -1.40 -19.48 11.26
N ASP A 145 -2.69 -19.51 10.89
CA ASP A 145 -3.77 -18.90 11.71
C ASP A 145 -3.95 -19.70 13.00
N VAL A 146 -3.63 -19.14 14.15
CA VAL A 146 -3.68 -19.94 15.36
C VAL A 146 -5.03 -19.99 16.04
N ALA A 147 -5.99 -19.28 15.48
CA ALA A 147 -7.23 -19.07 16.15
C ALA A 147 -8.16 -20.26 16.30
N VAL A 148 -8.40 -20.98 15.21
CA VAL A 148 -9.39 -22.05 15.19
C VAL A 148 -8.89 -23.27 14.45
N LYS A 149 -9.08 -24.43 15.06
CA LYS A 149 -8.75 -25.70 14.43
C LYS A 149 -10.02 -26.20 13.72
N ASP A 150 -9.91 -26.53 12.44
CA ASP A 150 -11.05 -27.01 11.64
C ASP A 150 -12.19 -26.03 11.39
N SER A 151 -11.88 -24.86 10.86
CA SER A 151 -12.93 -23.90 10.53
C SER A 151 -13.77 -24.42 9.41
N LEU A 152 -14.56 -23.51 8.81
CA LEU A 152 -15.52 -23.82 7.77
C LEU A 152 -15.01 -24.43 6.48
N TYR A 153 -13.87 -23.95 5.99
CA TYR A 153 -13.32 -24.50 4.74
C TYR A 153 -11.89 -25.01 4.91
N THR A 154 -11.59 -25.47 6.12
CA THR A 154 -10.25 -25.95 6.43
C THR A 154 -10.16 -27.18 7.35
N ALA A 155 -9.31 -28.12 6.96
CA ALA A 155 -8.96 -29.27 7.80
C ALA A 155 -7.64 -28.82 8.51
N GLY A 156 -7.71 -28.54 9.80
CA GLY A 156 -6.54 -28.05 10.52
C GLY A 156 -6.64 -26.53 10.70
N ARG A 157 -5.51 -25.84 10.56
CA ARG A 157 -5.46 -24.38 10.78
C ARG A 157 -5.40 -23.70 9.41
N ARG A 158 -6.03 -22.53 9.37
CA ARG A 158 -6.22 -21.73 8.17
C ARG A 158 -4.94 -21.06 7.73
N GLY A 159 -4.78 -20.92 6.42
CA GLY A 159 -3.59 -20.30 5.87
C GLY A 159 -3.87 -18.85 5.60
N VAL A 160 -3.05 -17.97 6.16
CA VAL A 160 -3.36 -16.56 6.07
C VAL A 160 -2.11 -15.71 5.75
N ALA A 161 -1.98 -14.55 6.39
CA ALA A 161 -0.93 -13.58 6.00
C ALA A 161 0.51 -14.03 6.03
N ASN A 162 0.82 -15.03 6.87
CA ASN A 162 2.20 -15.49 6.86
C ASN A 162 2.58 -15.99 5.47
N THR A 163 1.56 -16.33 4.64
CA THR A 163 1.83 -16.79 3.30
C THR A 163 2.66 -15.74 2.58
N VAL A 164 2.40 -14.46 2.86
CA VAL A 164 3.12 -13.41 2.14
C VAL A 164 4.63 -13.40 2.51
N LEU A 165 4.91 -13.57 3.81
CA LEU A 165 6.29 -13.58 4.34
C LEU A 165 7.03 -14.80 3.78
N ILE A 166 6.31 -15.92 3.69
CA ILE A 166 6.92 -17.11 3.15
C ILE A 166 7.22 -16.91 1.64
N GLU A 167 6.30 -16.30 0.89
CA GLU A 167 6.56 -16.10 -0.55
C GLU A 167 7.80 -15.27 -0.77
N LYS A 168 7.99 -14.28 0.10
CA LYS A 168 9.13 -13.39 -0.09
C LYS A 168 10.42 -14.13 0.21
N LEU A 169 10.43 -14.89 1.31
CA LEU A 169 11.65 -15.54 1.75
C LEU A 169 12.06 -16.69 0.86
N VAL A 170 11.08 -17.52 0.52
CA VAL A 170 11.35 -18.60 -0.38
C VAL A 170 11.63 -17.99 -1.79
N GLY A 171 10.96 -16.88 -2.15
CA GLY A 171 11.22 -16.22 -3.46
C GLY A 171 12.66 -15.76 -3.60
N ALA A 172 13.22 -15.23 -2.50
CA ALA A 172 14.62 -14.76 -2.47
C ALA A 172 15.55 -15.97 -2.60
N ALA A 173 15.22 -17.05 -1.89
CA ALA A 173 16.04 -18.25 -1.97
C ALA A 173 15.99 -18.81 -3.39
N ALA A 174 14.80 -18.83 -4.02
CA ALA A 174 14.78 -19.36 -5.42
C ALA A 174 15.63 -18.49 -6.36
N GLU A 175 15.52 -17.17 -6.14
CA GLU A 175 16.22 -16.20 -7.00
C GLU A 175 17.73 -16.31 -6.82
N ARG A 176 18.21 -16.63 -5.62
CA ARG A 176 19.65 -16.78 -5.49
C ARG A 176 20.14 -18.12 -6.08
N GLY A 177 19.23 -19.03 -6.33
CA GLY A 177 19.62 -20.29 -6.98
C GLY A 177 19.44 -21.57 -6.18
N ASP A 178 18.85 -21.49 -4.97
CA ASP A 178 18.66 -22.70 -4.19
C ASP A 178 17.87 -23.74 -5.01
N SER A 179 18.10 -25.02 -4.73
CA SER A 179 17.37 -26.12 -5.43
C SER A 179 15.90 -26.18 -5.02
N LEU A 180 15.11 -27.00 -5.69
CA LEU A 180 13.68 -27.06 -5.37
C LEU A 180 13.53 -27.59 -3.93
N ASP A 181 14.33 -28.62 -3.64
CA ASP A 181 14.30 -29.27 -2.34
C ASP A 181 14.64 -28.25 -1.29
N ALA A 182 15.65 -27.42 -1.57
CA ALA A 182 16.04 -26.41 -0.59
C ALA A 182 14.93 -25.37 -0.40
N CYS A 183 14.28 -24.95 -1.52
CA CYS A 183 13.21 -23.97 -1.44
C CYS A 183 12.02 -24.54 -0.67
N ALA A 184 11.71 -25.79 -0.96
CA ALA A 184 10.65 -26.51 -0.28
C ALA A 184 10.96 -26.70 1.22
N GLU A 185 12.15 -27.19 1.57
CA GLU A 185 12.40 -27.35 3.03
C GLU A 185 12.34 -26.01 3.83
N LEU A 186 12.78 -24.93 3.19
CA LEU A 186 12.79 -23.62 3.84
C LEU A 186 11.35 -23.17 4.06
N GLY A 187 10.50 -23.37 3.05
CA GLY A 187 9.10 -22.95 3.20
C GLY A 187 8.37 -23.74 4.31
N ARG A 188 8.64 -25.04 4.42
CA ARG A 188 8.01 -25.87 5.44
C ARG A 188 8.54 -25.47 6.81
N LYS A 189 9.84 -25.16 6.89
CA LYS A 189 10.42 -24.68 8.17
C LYS A 189 9.75 -23.36 8.61
N LEU A 190 9.67 -22.38 7.70
CA LEU A 190 9.05 -21.05 8.00
C LEU A 190 7.61 -21.24 8.42
N ASN A 191 6.93 -22.17 7.75
CA ASN A 191 5.55 -22.41 8.08
C ASN A 191 5.43 -22.83 9.54
N ASN A 192 6.35 -23.67 10.00
CA ASN A 192 6.33 -24.06 11.43
C ASN A 192 6.75 -22.99 12.41
N GLN A 193 7.20 -21.83 11.93
CA GLN A 193 7.71 -20.77 12.80
C GLN A 193 6.86 -19.49 12.71
N GLY A 194 5.78 -19.50 11.97
CA GLY A 194 5.03 -18.26 11.73
C GLY A 194 3.64 -18.43 12.29
N HIS A 195 3.14 -17.41 12.96
CA HIS A 195 1.86 -17.52 13.68
C HIS A 195 1.01 -16.26 13.47
N SER A 196 -0.27 -16.44 13.18
CA SER A 196 -1.12 -15.32 12.85
C SER A 196 -2.45 -15.30 13.53
N ILE A 197 -3.00 -14.09 13.71
CA ILE A 197 -4.36 -13.98 14.21
C ILE A 197 -4.97 -12.68 13.70
N GLY A 198 -6.24 -12.76 13.38
CA GLY A 198 -6.98 -11.64 12.82
C GLY A 198 -8.21 -11.33 13.61
N ILE A 199 -8.65 -10.07 13.51
CA ILE A 199 -9.92 -9.64 14.13
C ILE A 199 -10.68 -8.82 13.12
N ALA A 200 -12.01 -8.85 13.19
CA ALA A 200 -12.87 -8.01 12.33
C ALA A 200 -13.80 -7.20 13.22
N LEU A 201 -14.03 -5.97 12.81
CA LEU A 201 -14.95 -5.06 13.49
C LEU A 201 -16.17 -4.90 12.60
N GLY A 202 -16.06 -5.44 11.39
CA GLY A 202 -17.10 -5.38 10.38
C GLY A 202 -16.74 -6.32 9.22
N ALA A 203 -17.73 -7.09 8.77
CA ALA A 203 -17.55 -8.03 7.67
C ALA A 203 -17.29 -7.33 6.33
N CYS A 204 -16.84 -8.10 5.35
CA CYS A 204 -16.55 -7.59 4.02
C CYS A 204 -17.84 -7.50 3.19
N LEU A 216 -21.48 -8.19 13.55
CA LEU A 216 -22.78 -7.66 13.15
C LEU A 216 -23.49 -6.97 14.33
N ALA A 217 -22.75 -6.72 15.38
CA ALA A 217 -23.27 -6.05 16.58
C ALA A 217 -22.37 -4.87 16.94
N ASP A 218 -22.95 -3.74 17.20
CA ASP A 218 -22.23 -2.51 17.57
C ASP A 218 -21.27 -2.59 18.74
N ASN A 219 -20.05 -2.20 18.42
CA ASN A 219 -19.03 -2.23 19.42
C ASN A 219 -18.68 -3.65 19.83
N GLU A 220 -18.69 -4.53 18.84
CA GLU A 220 -18.33 -5.92 19.07
C GLU A 220 -17.29 -6.29 17.99
N MET A 221 -16.49 -7.30 18.25
CA MET A 221 -15.54 -7.78 17.25
C MET A 221 -15.58 -9.27 17.16
N GLU A 222 -15.29 -9.77 15.96
CA GLU A 222 -15.15 -11.19 15.70
C GLU A 222 -13.66 -11.50 15.96
N PHE A 223 -13.37 -12.14 17.09
CA PHE A 223 -12.01 -12.42 17.51
C PHE A 223 -11.52 -13.73 16.90
N GLY A 224 -10.42 -13.68 16.12
CA GLY A 224 -9.86 -14.88 15.49
C GLY A 224 -10.60 -15.17 14.20
N VAL A 225 -10.95 -14.11 13.50
CA VAL A 225 -11.72 -14.23 12.23
C VAL A 225 -10.87 -14.78 11.11
N GLY A 226 -11.53 -15.38 10.11
CA GLY A 226 -10.86 -15.94 8.95
C GLY A 226 -10.97 -15.02 7.74
N ILE A 227 -10.01 -15.08 6.82
CA ILE A 227 -9.96 -14.16 5.67
C ILE A 227 -11.09 -14.37 4.66
N HIS A 228 -11.93 -15.35 4.91
CA HIS A 228 -13.09 -15.58 4.05
C HIS A 228 -14.36 -15.23 4.83
N GLY A 229 -14.20 -14.76 6.06
CA GLY A 229 -15.37 -14.43 6.86
C GLY A 229 -15.78 -15.52 7.84
N GLU A 230 -15.02 -16.61 7.90
CA GLU A 230 -15.25 -17.71 8.85
C GLU A 230 -15.28 -17.13 10.25
N PRO A 231 -16.13 -17.70 11.11
CA PRO A 231 -16.20 -17.30 12.52
C PRO A 231 -14.85 -17.45 13.19
N GLY A 232 -14.65 -16.66 14.24
CA GLY A 232 -13.45 -16.71 15.04
C GLY A 232 -13.66 -17.52 16.30
N ILE A 233 -12.83 -17.27 17.29
CA ILE A 233 -12.95 -17.94 18.57
C ILE A 233 -14.31 -17.51 19.16
N ASP A 234 -14.64 -16.22 19.04
CA ASP A 234 -15.89 -15.72 19.58
C ASP A 234 -16.14 -14.29 19.13
N ARG A 235 -17.26 -13.73 19.58
CA ARG A 235 -17.56 -12.33 19.39
C ARG A 235 -17.36 -11.79 20.80
N ARG A 236 -16.70 -10.68 20.91
CA ARG A 236 -16.40 -10.07 22.19
C ARG A 236 -16.33 -8.57 22.02
N PRO A 237 -16.58 -7.83 23.09
CA PRO A 237 -16.53 -6.39 22.99
C PRO A 237 -15.18 -5.81 22.62
N PHE A 238 -15.24 -4.80 21.79
CA PHE A 238 -14.07 -4.04 21.45
C PHE A 238 -14.04 -2.97 22.53
N SER A 239 -12.94 -2.82 23.24
CA SER A 239 -12.84 -1.81 24.29
C SER A 239 -11.87 -0.71 23.83
N SER A 240 -10.73 -1.12 23.28
CA SER A 240 -9.71 -0.18 22.77
C SER A 240 -8.77 -0.91 21.82
N LEU A 241 -7.98 -0.15 21.07
CA LEU A 241 -7.03 -0.73 20.12
C LEU A 241 -5.99 -1.55 20.88
N ASP A 242 -5.39 -0.87 21.87
CA ASP A 242 -4.39 -1.44 22.76
C ASP A 242 -4.84 -2.76 23.40
N GLN A 243 -6.07 -2.81 23.90
CA GLN A 243 -6.61 -4.03 24.51
C GLN A 243 -6.84 -5.17 23.49
N THR A 244 -7.29 -4.79 22.30
CA THR A 244 -7.47 -5.78 21.25
C THR A 244 -6.11 -6.35 20.88
N VAL A 245 -5.11 -5.49 20.73
CA VAL A 245 -3.78 -6.01 20.38
C VAL A 245 -3.24 -6.97 21.49
N ASP A 246 -3.48 -6.59 22.75
CA ASP A 246 -3.02 -7.37 23.89
C ASP A 246 -3.61 -8.76 23.82
N GLU A 247 -4.90 -8.82 23.49
CA GLU A 247 -5.59 -10.09 23.38
C GLU A 247 -5.05 -10.88 22.19
N MET A 248 -4.82 -10.20 21.08
CA MET A 248 -4.33 -10.93 19.91
C MET A 248 -2.94 -11.45 20.19
N PHE A 249 -2.10 -10.62 20.81
CA PHE A 249 -0.72 -11.00 21.08
C PHE A 249 -0.67 -12.18 22.06
N ASP A 250 -1.51 -12.09 23.07
CA ASP A 250 -1.54 -13.13 24.13
C ASP A 250 -1.90 -14.44 23.43
N THR A 251 -2.88 -14.39 22.54
CA THR A 251 -3.29 -15.61 21.82
C THR A 251 -2.14 -16.20 20.97
N LEU A 252 -1.35 -15.31 20.31
CA LEU A 252 -0.23 -15.81 19.55
C LEU A 252 0.72 -16.56 20.50
N LEU A 253 0.91 -16.04 21.71
CA LEU A 253 1.87 -16.67 22.63
C LEU A 253 1.38 -18.04 23.17
N VAL A 254 0.09 -18.16 23.42
CA VAL A 254 -0.39 -19.37 24.06
C VAL A 254 -0.92 -20.43 23.10
N ASN A 255 -1.23 -20.05 21.86
CA ASN A 255 -1.74 -21.01 20.87
C ASN A 255 -0.68 -21.51 19.89
N GLY A 256 0.59 -21.16 20.14
CA GLY A 256 1.70 -21.51 19.24
C GLY A 256 2.01 -23.00 19.09
N SER A 257 1.85 -23.76 20.17
CA SER A 257 2.15 -25.20 20.14
C SER A 257 1.20 -25.96 19.21
N TYR A 258 1.74 -26.74 18.27
CA TYR A 258 0.85 -27.39 17.30
C TYR A 258 1.55 -28.56 16.63
N HIS A 259 0.87 -29.71 16.58
CA HIS A 259 1.39 -30.89 15.90
C HIS A 259 0.29 -31.29 14.95
N ARG A 260 0.67 -31.61 13.71
CA ARG A 260 -0.33 -32.05 12.73
C ARG A 260 0.37 -32.63 11.52
N THR A 261 -0.41 -33.32 10.71
CA THR A 261 0.08 -33.86 9.44
C THR A 261 -0.13 -32.90 8.26
N LEU A 262 0.93 -32.67 7.51
CA LEU A 262 0.73 -31.86 6.34
C LEU A 262 1.22 -32.72 5.19
N ARG A 263 0.39 -32.97 4.20
CA ARG A 263 0.84 -33.75 3.04
C ARG A 263 1.67 -32.90 2.08
N PHE A 264 2.69 -33.53 1.49
CA PHE A 264 3.55 -32.93 0.45
C PHE A 264 3.83 -33.95 -0.66
N TRP A 265 4.09 -33.46 -1.87
CA TRP A 265 4.34 -34.33 -3.00
C TRP A 265 5.77 -34.75 -3.05
N ASP A 266 6.00 -36.04 -2.97
CA ASP A 266 7.37 -36.54 -3.08
C ASP A 266 7.54 -36.81 -4.59
N TYR A 267 8.36 -36.01 -5.25
CA TYR A 267 8.49 -36.21 -6.71
C TYR A 267 9.33 -37.42 -7.15
N GLN A 268 10.13 -37.96 -6.25
CA GLN A 268 10.92 -39.15 -6.59
C GLN A 268 10.06 -40.41 -6.57
N GLN A 269 9.14 -40.51 -5.62
CA GLN A 269 8.26 -41.68 -5.54
C GLN A 269 6.98 -41.42 -6.32
N GLY A 270 6.78 -40.17 -6.71
CA GLY A 270 5.57 -39.79 -7.41
C GLY A 270 4.34 -40.07 -6.58
N SER A 271 4.34 -39.68 -5.29
CA SER A 271 3.17 -39.87 -4.42
C SER A 271 3.13 -38.86 -3.28
N TRP A 272 1.99 -38.76 -2.62
CA TRP A 272 1.81 -37.86 -1.47
C TRP A 272 2.38 -38.50 -0.20
N GLN A 273 3.17 -37.72 0.53
CA GLN A 273 3.74 -38.18 1.79
C GLN A 273 3.09 -37.44 2.95
N GLU A 274 2.67 -38.18 3.96
CA GLU A 274 2.08 -37.57 5.14
C GLU A 274 3.29 -37.26 6.00
N GLU A 275 3.37 -36.02 6.46
CA GLU A 275 4.51 -35.63 7.30
C GLU A 275 3.99 -34.99 8.57
N GLN A 276 4.32 -35.54 9.74
CA GLN A 276 3.93 -34.90 10.99
C GLN A 276 4.85 -33.66 11.04
N GLN A 277 4.30 -32.51 11.42
CA GLN A 277 5.04 -31.25 11.41
C GLN A 277 4.78 -30.68 12.80
N THR A 278 5.79 -30.03 13.36
CA THR A 278 5.68 -29.48 14.71
C THR A 278 6.01 -28.00 14.80
N LYS A 279 5.13 -27.29 15.51
CA LYS A 279 5.38 -25.88 15.79
C LYS A 279 5.66 -25.73 17.29
N GLN A 280 6.69 -24.95 17.63
CA GLN A 280 6.97 -24.59 19.01
C GLN A 280 6.29 -23.21 19.25
N PRO A 281 5.88 -22.93 20.48
CA PRO A 281 5.33 -21.62 20.77
C PRO A 281 6.44 -20.58 20.64
N LEU A 282 6.01 -19.34 20.35
CA LEU A 282 6.94 -18.22 20.29
C LEU A 282 7.40 -18.11 21.72
N GLN A 283 8.67 -17.75 21.92
CA GLN A 283 9.14 -17.62 23.29
C GLN A 283 10.19 -16.52 23.50
N SER A 284 10.40 -16.15 24.76
CA SER A 284 11.47 -15.20 25.08
C SER A 284 12.76 -15.57 24.38
N GLY A 285 13.42 -14.61 23.74
CA GLY A 285 14.66 -14.85 23.01
C GLY A 285 14.47 -15.01 21.48
N ASP A 286 13.24 -15.16 21.03
CA ASP A 286 12.98 -15.30 19.58
C ASP A 286 13.12 -13.97 18.95
N ARG A 287 13.72 -13.97 17.76
CA ARG A 287 13.83 -12.81 16.90
C ARG A 287 12.73 -12.99 15.86
N VAL A 288 11.97 -11.91 15.58
CA VAL A 288 10.86 -12.07 14.64
C VAL A 288 10.73 -11.00 13.57
N ILE A 289 10.01 -11.37 12.50
CA ILE A 289 9.56 -10.38 11.50
C ILE A 289 8.09 -10.15 11.86
N ALA A 290 7.67 -8.90 11.97
CA ALA A 290 6.22 -8.63 12.24
C ALA A 290 5.49 -8.10 11.05
N LEU A 291 4.32 -8.66 10.79
CA LEU A 291 3.47 -8.14 9.71
C LEU A 291 2.14 -7.70 10.33
N VAL A 292 1.89 -6.39 10.32
CA VAL A 292 0.60 -5.81 10.71
C VAL A 292 -0.15 -5.53 9.38
N ASN A 293 -1.23 -6.29 9.20
CA ASN A 293 -1.90 -6.41 7.92
C ASN A 293 -3.34 -5.94 7.99
N ASN A 294 -3.69 -5.03 7.09
CA ASN A 294 -5.06 -4.52 6.98
C ASN A 294 -5.91 -5.58 6.26
N LEU A 295 -7.00 -6.00 6.90
CA LEU A 295 -7.87 -7.01 6.28
C LEU A 295 -8.74 -6.30 5.22
N GLY A 296 -8.77 -4.99 5.26
CA GLY A 296 -9.51 -4.27 4.22
C GLY A 296 -9.78 -2.78 4.36
N ALA A 297 -10.48 -2.41 5.43
CA ALA A 297 -10.91 -1.03 5.61
C ALA A 297 -10.36 -0.36 6.88
N THR A 298 -9.21 -0.82 7.37
CA THR A 298 -8.63 -0.22 8.53
C THR A 298 -7.72 0.91 8.09
N PRO A 299 -7.91 2.10 8.66
CA PRO A 299 -7.05 3.23 8.34
C PRO A 299 -5.60 2.89 8.71
N LEU A 300 -4.67 3.31 7.86
CA LEU A 300 -3.26 3.09 8.08
C LEU A 300 -2.80 3.71 9.40
N SER A 301 -3.39 4.84 9.78
CA SER A 301 -3.03 5.45 11.07
C SER A 301 -3.26 4.44 12.20
N GLU A 302 -4.35 3.70 12.11
CA GLU A 302 -4.64 2.71 13.15
C GLU A 302 -3.61 1.57 13.13
N LEU A 303 -3.17 1.14 11.97
CA LEU A 303 -2.17 0.05 11.93
C LEU A 303 -0.88 0.47 12.59
N TYR A 304 -0.52 1.74 12.49
CA TYR A 304 0.69 2.21 13.18
C TYR A 304 0.44 2.14 14.71
N GLY A 305 -0.77 2.45 15.16
CA GLY A 305 -1.06 2.33 16.59
C GLY A 305 -0.95 0.87 17.06
N VAL A 306 -1.46 -0.05 16.26
CA VAL A 306 -1.31 -1.47 16.48
C VAL A 306 0.16 -1.80 16.61
N TYR A 307 0.95 -1.33 15.65
CA TYR A 307 2.36 -1.65 15.68
C TYR A 307 3.01 -1.11 16.94
N ASN A 308 2.56 0.06 17.39
CA ASN A 308 3.15 0.64 18.59
C ASN A 308 2.91 -0.30 19.75
N ARG A 309 1.68 -0.76 19.88
CA ARG A 309 1.37 -1.67 21.03
C ARG A 309 2.10 -2.98 20.89
N LEU A 310 2.08 -3.53 19.67
CA LEU A 310 2.80 -4.80 19.45
C LEU A 310 4.30 -4.76 19.85
N THR A 311 5.00 -3.65 19.54
CA THR A 311 6.40 -3.57 19.90
C THR A 311 6.59 -3.64 21.43
N THR A 312 5.74 -2.91 22.14
CA THR A 312 5.78 -2.92 23.61
C THR A 312 5.64 -4.37 24.15
N ARG A 313 4.60 -5.08 23.71
CA ARG A 313 4.38 -6.47 24.13
C ARG A 313 5.53 -7.45 23.74
N CYS A 314 6.04 -7.35 22.54
CA CYS A 314 7.17 -8.19 22.20
C CYS A 314 8.36 -7.86 23.14
N GLN A 315 8.62 -6.58 23.34
CA GLN A 315 9.74 -6.21 24.21
C GLN A 315 9.49 -6.82 25.58
N GLN A 316 8.26 -6.77 26.05
CA GLN A 316 8.04 -7.31 27.42
C GLN A 316 8.22 -8.84 27.50
N ALA A 317 7.91 -9.54 26.41
CA ALA A 317 7.96 -11.01 26.35
C ALA A 317 9.29 -11.59 25.87
N GLY A 318 10.28 -10.73 25.63
CA GLY A 318 11.59 -11.16 25.19
C GLY A 318 11.69 -11.46 23.71
N LEU A 319 10.78 -10.91 22.88
CA LEU A 319 10.80 -11.09 21.42
C LEU A 319 11.42 -9.87 20.81
N THR A 320 12.41 -10.03 19.93
CA THR A 320 13.02 -8.91 19.21
C THR A 320 12.43 -8.80 17.79
N ILE A 321 11.70 -7.72 17.53
CA ILE A 321 11.22 -7.52 16.17
C ILE A 321 12.40 -6.97 15.37
N GLU A 322 12.82 -7.72 14.37
CA GLU A 322 13.98 -7.32 13.55
C GLU A 322 13.61 -6.55 12.26
N ARG A 323 12.47 -6.88 11.68
CA ARG A 323 11.92 -6.23 10.50
C ARG A 323 10.38 -6.21 10.62
N ASN A 324 9.71 -5.30 9.90
CA ASN A 324 8.25 -5.28 9.91
C ASN A 324 7.69 -4.91 8.54
N LEU A 325 6.43 -5.28 8.31
CA LEU A 325 5.67 -4.85 7.13
C LEU A 325 4.36 -4.39 7.75
N ILE A 326 3.83 -3.24 7.31
CA ILE A 326 2.58 -2.67 7.88
C ILE A 326 1.82 -2.17 6.67
N GLY A 327 0.71 -2.79 6.35
CA GLY A 327 -0.02 -2.34 5.17
C GLY A 327 -1.08 -3.35 4.78
N ALA A 328 -1.70 -3.18 3.61
CA ALA A 328 -2.71 -4.13 3.17
C ALA A 328 -2.00 -5.20 2.32
N TYR A 329 -1.67 -6.35 2.93
CA TYR A 329 -0.93 -7.40 2.20
C TYR A 329 -1.69 -8.73 1.95
N CYS A 330 -2.70 -9.01 2.75
CA CYS A 330 -3.52 -10.19 2.61
C CYS A 330 -4.90 -9.76 3.01
N THR A 331 -5.71 -9.31 2.07
CA THR A 331 -7.02 -8.75 2.47
C THR A 331 -8.22 -9.73 2.38
N SER A 332 -9.38 -9.21 2.81
CA SER A 332 -10.62 -9.96 2.67
C SER A 332 -11.61 -8.90 2.15
N LEU A 333 -11.65 -8.71 0.85
CA LEU A 333 -12.43 -7.64 0.26
C LEU A 333 -12.31 -6.35 1.11
N ASP A 334 -13.45 -5.82 1.53
CA ASP A 334 -13.49 -4.58 2.29
C ASP A 334 -13.78 -4.79 3.79
N MET A 335 -13.33 -5.94 4.33
CA MET A 335 -13.57 -6.23 5.74
C MET A 335 -12.91 -5.15 6.58
N THR A 336 -13.51 -4.83 7.72
CA THR A 336 -12.86 -3.88 8.61
C THR A 336 -12.20 -4.71 9.70
N GLY A 337 -10.87 -4.72 9.72
CA GLY A 337 -10.16 -5.49 10.74
C GLY A 337 -8.70 -5.57 10.33
N PHE A 338 -7.91 -6.34 11.07
CA PHE A 338 -6.50 -6.41 10.74
C PHE A 338 -6.00 -7.69 11.34
N SER A 339 -4.80 -8.09 10.91
CA SER A 339 -4.20 -9.27 11.52
C SER A 339 -2.81 -8.97 11.96
N ILE A 340 -2.33 -9.79 12.89
CA ILE A 340 -0.95 -9.71 13.32
C ILE A 340 -0.26 -11.05 13.03
N THR A 341 0.88 -10.96 12.36
CA THR A 341 1.70 -12.12 12.08
C THR A 341 3.08 -11.96 12.65
N LEU A 342 3.56 -12.98 13.39
CA LEU A 342 4.94 -12.99 13.89
C LEU A 342 5.64 -14.24 13.35
N LEU A 343 6.78 -14.04 12.73
CA LEU A 343 7.52 -15.14 12.13
C LEU A 343 8.93 -15.22 12.71
N LYS A 344 9.24 -16.30 13.41
CA LYS A 344 10.60 -16.48 14.00
C LYS A 344 11.63 -16.55 12.91
N VAL A 345 12.77 -15.86 13.07
CA VAL A 345 13.77 -15.89 12.01
C VAL A 345 15.16 -15.98 12.60
N ASP A 346 16.18 -16.25 11.77
CA ASP A 346 17.58 -16.19 12.24
C ASP A 346 18.36 -15.33 11.23
N ASP A 347 19.68 -15.26 11.35
CA ASP A 347 20.48 -14.41 10.43
C ASP A 347 20.30 -14.83 8.94
N GLU A 348 20.27 -16.12 8.68
CA GLU A 348 20.11 -16.56 7.29
C GLU A 348 18.78 -16.09 6.69
N THR A 349 17.71 -16.23 7.45
CA THR A 349 16.38 -15.81 7.02
C THR A 349 16.28 -14.31 6.86
N LEU A 350 16.93 -13.58 7.77
CA LEU A 350 16.95 -12.14 7.65
C LEU A 350 17.68 -11.72 6.39
N ALA A 351 18.74 -12.44 6.01
CA ALA A 351 19.44 -12.13 4.76
C ALA A 351 18.47 -12.33 3.58
N LEU A 352 17.63 -13.35 3.64
CA LEU A 352 16.67 -13.61 2.54
C LEU A 352 15.60 -12.48 2.56
N TRP A 353 15.27 -12.01 3.75
CA TRP A 353 14.33 -10.89 3.84
C TRP A 353 14.89 -9.63 3.16
N ASP A 354 16.13 -9.30 3.49
CA ASP A 354 16.75 -8.10 2.98
C ASP A 354 17.08 -8.18 1.50
N ALA A 355 17.09 -9.40 0.95
CA ALA A 355 17.36 -9.52 -0.48
C ALA A 355 16.36 -8.73 -1.34
N PRO A 356 16.79 -8.33 -2.54
CA PRO A 356 15.95 -7.57 -3.47
C PRO A 356 14.64 -8.28 -3.82
N VAL A 357 13.59 -7.48 -3.99
CA VAL A 357 12.32 -7.96 -4.47
C VAL A 357 11.76 -6.86 -5.32
N HIS A 358 11.18 -7.22 -6.46
CA HIS A 358 10.59 -6.25 -7.35
C HIS A 358 9.22 -6.72 -7.82
N THR A 359 8.17 -6.35 -7.10
CA THR A 359 6.83 -6.78 -7.44
C THR A 359 5.94 -5.57 -7.27
N PRO A 360 4.71 -5.65 -7.79
CA PRO A 360 3.77 -4.54 -7.59
C PRO A 360 3.60 -4.11 -6.15
N ALA A 361 3.53 -5.07 -5.23
CA ALA A 361 3.23 -4.76 -3.86
C ALA A 361 4.43 -4.55 -2.98
N LEU A 362 5.56 -5.20 -3.31
CA LEU A 362 6.77 -5.12 -2.48
C LEU A 362 7.96 -4.82 -3.35
N ASN A 363 8.70 -3.76 -3.00
CA ASN A 363 9.84 -3.38 -3.80
C ASN A 363 10.93 -2.81 -2.89
N TRP A 364 12.08 -3.48 -2.94
CA TRP A 364 13.30 -2.96 -2.31
C TRP A 364 14.54 -3.53 -2.98
N GLY A 365 15.64 -2.76 -2.94
CA GLY A 365 16.87 -3.14 -3.61
C GLY A 365 17.90 -3.55 -2.58
N LYS A 366 19.07 -3.93 -3.07
CA LYS A 366 20.20 -4.33 -2.21
C LYS A 366 20.49 -3.24 -1.17
N ASP B 20 -3.26 9.22 24.48
CA ASP B 20 -3.59 9.90 23.19
C ASP B 20 -3.32 8.94 21.99
N VAL B 21 -4.34 8.71 21.16
CA VAL B 21 -4.15 7.77 20.05
C VAL B 21 -3.17 8.30 19.01
N LEU B 22 -3.18 9.61 18.74
CA LEU B 22 -2.29 10.17 17.73
C LEU B 22 -0.86 9.96 18.18
N ASP B 23 -0.61 10.16 19.47
CA ASP B 23 0.70 9.94 20.05
C ASP B 23 1.15 8.50 19.81
N GLU B 24 0.24 7.55 20.03
CA GLU B 24 0.59 6.14 19.85
C GLU B 24 0.88 5.85 18.38
N GLN B 25 0.02 6.39 17.51
CA GLN B 25 0.19 6.19 16.07
C GLN B 25 1.50 6.73 15.55
N LEU B 26 1.91 7.92 16.05
CA LEU B 26 3.20 8.50 15.60
C LEU B 26 4.39 7.73 16.18
N ALA B 27 4.29 7.29 17.44
CA ALA B 27 5.36 6.48 18.03
C ALA B 27 5.51 5.18 17.19
N GLY B 28 4.37 4.62 16.73
CA GLY B 28 4.41 3.42 15.93
C GLY B 28 5.09 3.63 14.57
N LEU B 29 4.79 4.75 13.93
CA LEU B 29 5.41 5.05 12.66
C LEU B 29 6.91 5.13 12.88
N ALA B 30 7.32 5.87 13.91
CA ALA B 30 8.74 6.04 14.22
C ALA B 30 9.45 4.72 14.54
N LYS B 31 8.81 3.88 15.35
CA LYS B 31 9.43 2.59 15.67
C LYS B 31 9.49 1.72 14.40
N ALA B 32 8.52 1.86 13.49
CA ALA B 32 8.53 1.00 12.30
C ALA B 32 9.59 1.42 11.29
N HIS B 33 10.00 2.69 11.33
CA HIS B 33 10.89 3.23 10.27
C HIS B 33 12.05 3.99 10.81
N PRO B 34 13.14 3.28 11.01
CA PRO B 34 14.38 3.91 11.52
C PRO B 34 14.90 5.00 10.57
N SER B 35 14.46 5.03 9.32
CA SER B 35 14.90 6.12 8.42
C SER B 35 14.21 7.44 8.82
N LEU B 36 13.31 7.39 9.82
CA LEU B 36 12.61 8.63 10.25
C LEU B 36 12.94 8.94 11.72
N THR B 37 12.85 10.21 12.09
CA THR B 37 13.04 10.64 13.46
C THR B 37 11.78 11.40 13.89
N LEU B 38 11.13 10.95 14.97
CA LEU B 38 9.98 11.69 15.48
C LEU B 38 10.48 12.63 16.54
N HIS B 39 10.18 13.91 16.40
CA HIS B 39 10.59 14.91 17.38
C HIS B 39 9.47 15.26 18.33
N GLN B 40 9.81 15.79 19.51
CA GLN B 40 8.80 16.17 20.51
C GLN B 40 9.10 17.60 20.97
N ASP B 41 8.05 18.33 21.34
CA ASP B 41 8.18 19.71 21.79
C ASP B 41 8.89 20.65 20.77
N PRO B 42 8.29 20.92 19.61
CA PRO B 42 6.97 20.39 19.22
C PRO B 42 7.09 19.11 18.37
N VAL B 43 5.94 18.47 18.15
CA VAL B 43 5.88 17.25 17.34
C VAL B 43 5.99 17.53 15.82
N TYR B 44 6.90 16.78 15.17
CA TYR B 44 7.06 16.73 13.71
C TYR B 44 7.97 15.53 13.42
N VAL B 45 8.07 15.19 12.15
CA VAL B 45 8.83 14.02 11.74
C VAL B 45 9.80 14.44 10.63
N THR B 46 11.02 13.94 10.71
CA THR B 46 12.00 14.29 9.70
C THR B 46 12.73 13.03 9.18
N ARG B 47 13.49 13.15 8.09
CA ARG B 47 14.37 12.05 7.63
C ARG B 47 15.39 11.95 8.77
N ALA B 48 15.80 10.73 9.12
CA ALA B 48 16.77 10.57 10.23
C ALA B 48 18.08 11.25 9.87
N ASP B 49 18.36 11.38 8.57
CA ASP B 49 19.60 12.04 8.16
C ASP B 49 19.52 13.54 7.96
N ALA B 50 18.38 14.16 8.26
CA ALA B 50 18.26 15.60 8.06
C ALA B 50 18.97 16.29 9.23
N PRO B 51 19.51 17.48 9.04
CA PRO B 51 19.54 18.21 7.75
C PRO B 51 20.53 17.66 6.75
N VAL B 52 20.13 17.62 5.49
CA VAL B 52 21.04 17.19 4.43
C VAL B 52 21.62 18.47 3.83
N ALA B 53 22.92 18.63 4.05
CA ALA B 53 23.62 19.83 3.61
C ALA B 53 23.62 19.97 2.08
N GLY B 54 23.32 21.17 1.61
CA GLY B 54 23.48 21.51 0.21
C GLY B 54 22.34 21.21 -0.74
N LYS B 55 21.23 20.71 -0.20
CA LYS B 55 20.06 20.43 -1.01
C LYS B 55 18.87 21.21 -0.47
N VAL B 56 18.01 21.60 -1.39
CA VAL B 56 16.77 22.27 -1.01
C VAL B 56 16.01 21.29 -0.12
N ALA B 57 15.40 21.76 0.98
CA ALA B 57 14.62 20.86 1.85
C ALA B 57 13.12 21.00 1.53
N LEU B 58 12.39 19.89 1.49
CA LEU B 58 10.99 19.89 1.12
C LEU B 58 10.12 19.47 2.29
N LEU B 59 9.08 20.27 2.54
CA LEU B 59 8.23 19.99 3.67
C LEU B 59 6.77 20.14 3.32
N SER B 60 5.97 19.30 3.94
CA SER B 60 4.53 19.50 3.89
C SER B 60 3.94 19.12 5.26
N GLY B 61 2.61 19.07 5.30
CA GLY B 61 1.94 18.74 6.54
C GLY B 61 0.45 18.99 6.39
N GLY B 62 -0.29 18.58 7.40
CA GLY B 62 -1.70 18.81 7.42
C GLY B 62 -2.32 17.96 8.50
N GLY B 63 -3.63 17.90 8.49
CA GLY B 63 -4.32 17.13 9.51
C GLY B 63 -4.02 15.68 9.32
N SER B 64 -4.03 14.92 10.42
CA SER B 64 -3.90 13.46 10.35
C SER B 64 -5.21 12.97 9.74
N GLY B 65 -5.27 11.69 9.38
CA GLY B 65 -6.45 11.14 8.75
C GLY B 65 -6.30 10.98 7.23
N HIS B 66 -5.12 11.33 6.69
CA HIS B 66 -4.87 11.14 5.25
C HIS B 66 -3.69 10.22 4.93
N GLU B 67 -3.14 9.61 5.98
CA GLU B 67 -2.03 8.65 5.89
C GLU B 67 -2.20 7.73 4.67
N PRO B 68 -1.14 7.47 3.90
CA PRO B 68 0.24 7.88 4.24
C PRO B 68 0.58 9.32 3.96
N MET B 69 -0.33 10.12 3.41
CA MET B 69 0.08 11.52 3.23
C MET B 69 0.10 12.23 4.64
N HIS B 70 1.16 12.92 5.06
CA HIS B 70 2.40 13.13 4.35
C HIS B 70 3.58 12.35 4.95
N CYS B 71 3.43 11.73 6.14
CA CYS B 71 4.60 11.10 6.75
C CYS B 71 5.20 9.91 6.00
N GLY B 72 4.35 9.21 5.24
CA GLY B 72 4.83 8.09 4.46
C GLY B 72 5.62 8.53 3.25
N TYR B 73 5.75 9.83 3.02
CA TYR B 73 6.49 10.37 1.86
C TYR B 73 7.79 11.03 2.29
N ILE B 74 8.20 10.78 3.55
CA ILE B 74 9.44 11.37 4.02
C ILE B 74 10.57 10.38 3.73
N GLY B 75 11.56 10.84 2.98
CA GLY B 75 12.74 10.03 2.64
C GLY B 75 13.45 10.55 1.39
N GLN B 76 14.55 9.89 1.03
CA GLN B 76 15.34 10.24 -0.13
C GLN B 76 14.48 10.40 -1.37
N GLY B 77 14.72 11.46 -2.14
CA GLY B 77 13.91 11.72 -3.32
C GLY B 77 12.51 12.27 -3.06
N MET B 78 12.18 12.58 -1.81
CA MET B 78 10.83 13.11 -1.60
C MET B 78 10.87 14.12 -0.44
N LEU B 79 9.96 14.01 0.53
CA LEU B 79 9.95 15.02 1.63
C LEU B 79 11.16 14.93 2.56
N SER B 80 11.62 16.07 3.03
CA SER B 80 12.63 16.11 4.06
C SER B 80 11.97 15.88 5.42
N GLY B 81 10.70 16.26 5.54
CA GLY B 81 9.98 16.08 6.78
C GLY B 81 8.55 16.51 6.60
N ALA B 82 7.72 16.30 7.64
CA ALA B 82 6.31 16.65 7.55
C ALA B 82 5.78 16.96 8.94
N CYS B 83 4.71 17.74 8.95
CA CYS B 83 4.13 18.20 10.19
C CYS B 83 2.69 17.77 10.32
N PRO B 84 2.46 16.63 10.94
CA PRO B 84 1.08 16.18 11.17
C PRO B 84 0.36 17.06 12.22
N GLY B 85 -0.93 17.35 12.00
CA GLY B 85 -1.74 18.05 12.98
C GLY B 85 -2.72 17.02 13.56
N GLU B 86 -3.73 17.48 14.31
CA GLU B 86 -4.73 16.56 14.83
C GLU B 86 -5.57 16.19 13.62
N ILE B 87 -6.49 15.24 13.78
CA ILE B 87 -7.38 14.80 12.69
C ILE B 87 -8.06 15.94 11.89
N PHE B 88 -7.86 15.91 10.57
CA PHE B 88 -8.39 16.93 9.66
C PHE B 88 -8.09 18.37 10.14
N THR B 89 -7.00 18.55 10.87
CA THR B 89 -6.65 19.87 11.40
C THR B 89 -5.20 20.27 11.20
N SER B 90 -4.98 21.47 10.66
CA SER B 90 -3.64 21.95 10.36
C SER B 90 -2.69 21.97 11.56
N PRO B 91 -1.42 21.65 11.32
CA PRO B 91 -0.43 21.78 12.40
C PRO B 91 -0.29 23.27 12.71
N THR B 92 0.09 23.55 13.95
CA THR B 92 0.31 24.92 14.35
C THR B 92 1.61 25.35 13.78
N PRO B 93 1.74 26.66 13.59
CA PRO B 93 2.93 27.22 12.95
C PRO B 93 4.27 26.89 13.68
N ASP B 94 4.25 26.64 15.00
CA ASP B 94 5.50 26.29 15.70
C ASP B 94 6.01 24.95 15.19
N LYS B 95 5.09 24.05 14.88
CA LYS B 95 5.53 22.71 14.39
C LYS B 95 6.19 22.85 13.03
N ILE B 96 5.60 23.68 12.18
CA ILE B 96 6.10 23.91 10.83
C ILE B 96 7.45 24.62 10.91
N PHE B 97 7.50 25.68 11.72
CA PHE B 97 8.77 26.40 11.87
C PHE B 97 9.92 25.52 12.34
N GLU B 98 9.69 24.72 13.38
CA GLU B 98 10.77 23.92 13.94
C GLU B 98 11.19 22.79 12.99
N CYS B 99 10.21 22.22 12.31
CA CYS B 99 10.54 21.20 11.33
C CYS B 99 11.42 21.78 10.22
N ALA B 100 11.07 22.92 9.66
CA ALA B 100 11.88 23.57 8.62
C ALA B 100 13.26 23.87 9.16
N MET B 101 13.34 24.38 10.40
CA MET B 101 14.68 24.66 10.96
C MET B 101 15.50 23.38 11.09
N GLN B 102 14.84 22.27 11.44
CA GLN B 102 15.59 21.02 11.58
C GLN B 102 16.10 20.49 10.23
N VAL B 103 15.33 20.67 9.16
CA VAL B 103 15.76 20.10 7.86
C VAL B 103 16.53 21.04 6.95
N ASP B 104 16.56 22.32 7.32
CA ASP B 104 17.20 23.36 6.49
C ASP B 104 18.64 22.93 6.20
N GLY B 105 18.97 22.79 4.92
CA GLY B 105 20.30 22.38 4.52
C GLY B 105 21.12 23.56 3.94
N GLY B 106 20.68 24.78 4.20
CA GLY B 106 21.40 25.96 3.75
C GLY B 106 21.04 26.42 2.35
N GLU B 107 20.10 25.74 1.70
CA GLU B 107 19.76 26.07 0.33
C GLU B 107 18.29 26.41 0.20
N GLY B 108 17.63 26.68 1.32
CA GLY B 108 16.22 27.04 1.31
C GLY B 108 15.30 25.87 1.69
N VAL B 109 14.08 26.19 2.07
CA VAL B 109 13.11 25.18 2.40
C VAL B 109 11.88 25.50 1.56
N LEU B 110 11.32 24.48 0.92
CA LEU B 110 10.13 24.69 0.09
C LEU B 110 8.94 24.09 0.80
N LEU B 111 7.90 24.86 1.01
CA LEU B 111 6.76 24.32 1.75
C LEU B 111 5.65 24.02 0.74
N ILE B 112 5.14 22.79 0.74
CA ILE B 112 4.03 22.46 -0.12
C ILE B 112 2.78 22.54 0.75
N ILE B 113 1.83 23.39 0.38
CA ILE B 113 0.64 23.57 1.16
C ILE B 113 -0.60 23.22 0.34
N LYS B 114 -1.45 22.32 0.85
CA LYS B 114 -2.74 22.02 0.20
C LYS B 114 -3.69 23.18 0.50
N ASN B 115 -4.56 23.49 -0.45
CA ASN B 115 -5.40 24.67 -0.35
C ASN B 115 -6.60 24.55 0.55
N TYR B 116 -6.40 24.77 1.85
CA TYR B 116 -7.48 24.79 2.85
C TYR B 116 -7.21 26.00 3.68
N THR B 117 -8.27 26.62 4.18
CA THR B 117 -8.16 27.81 4.98
C THR B 117 -7.14 27.71 6.12
N GLY B 118 -7.25 26.65 6.90
CA GLY B 118 -6.41 26.43 8.07
C GLY B 118 -4.96 26.17 7.69
N ASP B 119 -4.73 25.33 6.67
CA ASP B 119 -3.36 25.05 6.19
C ASP B 119 -2.71 26.31 5.64
N ILE B 120 -3.42 27.05 4.78
CA ILE B 120 -2.84 28.28 4.24
C ILE B 120 -2.42 29.24 5.38
N LEU B 121 -3.33 29.41 6.33
CA LEU B 121 -3.01 30.35 7.42
C LEU B 121 -1.80 29.94 8.29
N ASN B 122 -1.76 28.69 8.70
CA ASN B 122 -0.63 28.22 9.52
C ASN B 122 0.70 28.14 8.76
N PHE B 123 0.67 27.65 7.53
CA PHE B 123 1.92 27.58 6.77
C PHE B 123 2.37 29.00 6.37
N GLU B 124 1.40 29.86 6.14
CA GLU B 124 1.77 31.20 5.76
C GLU B 124 2.39 31.87 6.98
N THR B 125 1.80 31.66 8.16
CA THR B 125 2.39 32.25 9.40
C THR B 125 3.79 31.68 9.66
N ALA B 126 3.97 30.38 9.49
CA ALA B 126 5.32 29.80 9.66
C ALA B 126 6.32 30.39 8.63
N THR B 127 5.87 30.57 7.41
CA THR B 127 6.73 31.14 6.38
C THR B 127 7.29 32.49 6.81
N GLU B 128 6.46 33.33 7.42
CA GLU B 128 6.95 34.62 7.88
C GLU B 128 7.91 34.51 9.02
N LEU B 129 7.60 33.63 9.97
CA LEU B 129 8.50 33.41 11.12
C LEU B 129 9.88 32.89 10.62
N LEU B 130 9.85 31.93 9.71
CA LEU B 130 11.07 31.40 9.09
C LEU B 130 11.87 32.57 8.44
N HIS B 131 11.22 33.36 7.60
CA HIS B 131 11.87 34.47 6.91
C HIS B 131 12.41 35.39 7.96
N ASP B 132 11.58 35.74 8.91
CA ASP B 132 12.08 36.61 9.96
C ASP B 132 13.28 36.06 10.76
N SER B 133 13.56 34.76 10.63
CA SER B 133 14.71 34.15 11.31
C SER B 133 15.88 33.86 10.36
N GLY B 134 15.85 34.42 9.16
CA GLY B 134 16.96 34.20 8.24
C GLY B 134 16.90 33.02 7.28
N VAL B 135 15.82 32.24 7.33
CA VAL B 135 15.68 31.07 6.46
C VAL B 135 15.02 31.49 5.15
N LYS B 136 15.69 31.12 4.05
CA LYS B 136 15.20 31.35 2.69
C LYS B 136 14.12 30.30 2.46
N VAL B 137 12.91 30.78 2.22
CA VAL B 137 11.81 29.86 2.05
C VAL B 137 10.88 30.34 1.00
N THR B 138 10.20 29.40 0.37
CA THR B 138 9.12 29.72 -0.52
C THR B 138 7.98 28.67 -0.52
N THR B 139 6.88 28.95 -1.22
CA THR B 139 5.72 28.09 -1.12
C THR B 139 5.16 27.61 -2.47
N VAL B 140 4.42 26.52 -2.37
CA VAL B 140 3.63 26.06 -3.52
C VAL B 140 2.30 25.65 -2.96
N VAL B 141 1.25 26.24 -3.52
CA VAL B 141 -0.11 25.88 -3.13
C VAL B 141 -0.68 24.84 -4.12
N ILE B 142 -1.31 23.79 -3.58
CA ILE B 142 -1.94 22.75 -4.42
C ILE B 142 -3.45 22.93 -4.40
N ASP B 143 -4.05 23.06 -5.59
CA ASP B 143 -5.52 23.22 -5.72
C ASP B 143 -6.11 22.39 -6.87
N ASP B 144 -5.76 21.10 -6.91
CA ASP B 144 -6.12 20.19 -8.00
C ASP B 144 -7.53 19.65 -8.12
N ASP B 145 -8.32 19.70 -7.05
CA ASP B 145 -9.68 19.12 -7.08
C ASP B 145 -10.56 20.00 -7.99
N VAL B 146 -10.99 19.49 -9.14
CA VAL B 146 -11.79 20.27 -10.09
C VAL B 146 -13.27 20.38 -9.72
N ALA B 147 -13.69 19.73 -8.63
CA ALA B 147 -15.13 19.57 -8.41
C ALA B 147 -15.92 20.77 -7.90
N VAL B 148 -15.42 21.45 -6.88
CA VAL B 148 -16.20 22.54 -6.28
C VAL B 148 -15.30 23.72 -6.03
N LYS B 149 -15.78 24.92 -6.32
CA LYS B 149 -15.02 26.16 -6.06
C LYS B 149 -15.59 26.74 -4.76
N ASP B 150 -14.72 27.04 -3.80
CA ASP B 150 -15.13 27.56 -2.49
C ASP B 150 -15.95 26.57 -1.67
N SER B 151 -15.35 25.43 -1.33
CA SER B 151 -16.05 24.46 -0.50
C SER B 151 -15.97 25.02 0.90
N LEU B 152 -16.32 24.18 1.88
CA LEU B 152 -16.39 24.56 3.28
C LEU B 152 -15.14 25.11 3.94
N TYR B 153 -13.99 24.48 3.65
CA TYR B 153 -12.74 24.92 4.27
C TYR B 153 -11.76 25.47 3.23
N THR B 154 -12.27 26.02 2.12
CA THR B 154 -11.36 26.43 1.05
C THR B 154 -11.78 27.66 0.21
N ALA B 155 -10.85 28.58 -0.02
CA ALA B 155 -11.09 29.69 -0.94
C ALA B 155 -10.47 29.19 -2.26
N GLY B 156 -11.29 28.92 -3.26
CA GLY B 156 -10.75 28.38 -4.50
C GLY B 156 -11.05 26.87 -4.58
N ARG B 157 -10.13 26.09 -5.16
CA ARG B 157 -10.30 24.65 -5.30
C ARG B 157 -9.43 23.93 -4.28
N ARG B 158 -9.94 22.81 -3.80
CA ARG B 158 -9.31 22.01 -2.73
C ARG B 158 -8.04 21.27 -3.20
N GLY B 159 -7.08 21.12 -2.29
CA GLY B 159 -5.83 20.44 -2.64
C GLY B 159 -5.99 19.00 -2.21
N VAL B 160 -5.75 18.08 -3.14
CA VAL B 160 -6.00 16.68 -2.84
C VAL B 160 -4.86 15.79 -3.34
N ALA B 161 -5.18 14.64 -3.94
CA ALA B 161 -4.13 13.66 -4.27
C ALA B 161 -2.99 14.08 -5.20
N ASN B 162 -3.17 15.11 -6.04
CA ASN B 162 -2.06 15.47 -6.91
C ASN B 162 -0.90 15.96 -6.04
N THR B 163 -1.22 16.27 -4.79
CA THR B 163 -0.18 16.76 -3.87
C THR B 163 0.92 15.68 -3.82
N VAL B 164 0.52 14.42 -3.85
CA VAL B 164 1.46 13.31 -3.73
C VAL B 164 2.37 13.27 -4.95
N LEU B 165 1.80 13.41 -6.14
CA LEU B 165 2.62 13.37 -7.36
C LEU B 165 3.62 14.53 -7.41
N ILE B 166 3.18 15.69 -6.95
CA ILE B 166 4.04 16.88 -6.94
C ILE B 166 5.18 16.72 -5.93
N GLU B 167 4.89 16.09 -4.79
CA GLU B 167 5.95 15.91 -3.79
C GLU B 167 7.01 14.98 -4.35
N LYS B 168 6.58 13.96 -5.11
CA LYS B 168 7.58 13.04 -5.67
C LYS B 168 8.43 13.76 -6.72
N LEU B 169 7.79 14.51 -7.64
CA LEU B 169 8.51 15.14 -8.73
C LEU B 169 9.42 16.28 -8.25
N VAL B 170 8.87 17.16 -7.42
CA VAL B 170 9.65 18.21 -6.85
C VAL B 170 10.71 17.58 -5.90
N GLY B 171 10.35 16.51 -5.21
CA GLY B 171 11.30 15.79 -4.34
C GLY B 171 12.52 15.29 -5.14
N ALA B 172 12.29 14.75 -6.33
CA ALA B 172 13.38 14.31 -7.25
C ALA B 172 14.23 15.51 -7.72
N ALA B 173 13.59 16.60 -8.08
CA ALA B 173 14.31 17.77 -8.52
C ALA B 173 15.23 18.26 -7.35
N ALA B 174 14.69 18.31 -6.14
CA ALA B 174 15.49 18.80 -5.00
C ALA B 174 16.66 17.85 -4.70
N GLU B 175 16.38 16.54 -4.74
CA GLU B 175 17.35 15.51 -4.45
C GLU B 175 18.55 15.55 -5.38
N ARG B 176 18.32 15.86 -6.65
CA ARG B 176 19.42 15.95 -7.60
C ARG B 176 20.17 17.31 -7.48
N GLY B 177 19.64 18.26 -6.70
CA GLY B 177 20.37 19.51 -6.47
C GLY B 177 19.77 20.75 -7.09
N ASP B 178 18.57 20.66 -7.68
CA ASP B 178 18.01 21.88 -8.26
C ASP B 178 17.86 22.98 -7.21
N SER B 179 17.90 24.22 -7.66
CA SER B 179 17.77 25.36 -6.75
C SER B 179 16.35 25.47 -6.18
N LEU B 180 16.21 26.28 -5.14
CA LEU B 180 14.91 26.50 -4.53
C LEU B 180 13.96 27.05 -5.56
N ASP B 181 14.40 28.07 -6.30
CA ASP B 181 13.52 28.70 -7.31
C ASP B 181 13.16 27.71 -8.37
N ALA B 182 14.09 26.82 -8.71
CA ALA B 182 13.79 25.84 -9.76
C ALA B 182 12.81 24.84 -9.20
N CYS B 183 12.97 24.48 -7.92
CA CYS B 183 12.00 23.51 -7.33
C CYS B 183 10.60 24.13 -7.19
N ALA B 184 10.54 25.40 -6.78
CA ALA B 184 9.24 26.10 -6.61
C ALA B 184 8.50 26.26 -7.97
N GLU B 185 9.25 26.67 -9.00
CA GLU B 185 8.70 26.84 -10.35
C GLU B 185 8.11 25.55 -10.94
N LEU B 186 8.85 24.49 -10.75
CA LEU B 186 8.41 23.17 -11.14
C LEU B 186 7.10 22.82 -10.39
N GLY B 187 7.11 23.02 -9.07
CA GLY B 187 5.93 22.70 -8.29
C GLY B 187 4.70 23.50 -8.77
N ARG B 188 4.88 24.79 -9.01
CA ARG B 188 3.73 25.64 -9.45
C ARG B 188 3.21 25.23 -10.84
N LYS B 189 4.14 24.91 -11.73
CA LYS B 189 3.86 24.45 -13.10
C LYS B 189 3.04 23.13 -13.01
N LEU B 190 3.55 22.13 -12.27
CA LEU B 190 2.83 20.85 -12.09
C LEU B 190 1.47 21.11 -11.52
N ASN B 191 1.38 22.04 -10.57
CA ASN B 191 0.06 22.30 -9.98
C ASN B 191 -0.92 22.74 -11.06
N ASN B 192 -0.45 23.50 -12.04
CA ASN B 192 -1.32 23.94 -13.11
C ASN B 192 -1.64 22.87 -14.15
N GLN B 193 -1.04 21.70 -14.00
CA GLN B 193 -1.18 20.64 -14.98
C GLN B 193 -1.83 19.35 -14.42
N GLY B 194 -2.22 19.36 -13.14
CA GLY B 194 -2.75 18.19 -12.47
C GLY B 194 -4.19 18.43 -12.08
N HIS B 195 -5.03 17.42 -12.31
CA HIS B 195 -6.47 17.55 -12.13
C HIS B 195 -7.03 16.33 -11.41
N SER B 196 -7.90 16.56 -10.43
CA SER B 196 -8.39 15.45 -9.63
C SER B 196 -9.85 15.50 -9.35
N ILE B 197 -10.45 14.33 -9.11
CA ILE B 197 -11.84 14.30 -8.64
C ILE B 197 -12.05 13.04 -7.83
N GLY B 198 -12.85 13.15 -6.78
CA GLY B 198 -13.10 12.02 -5.89
C GLY B 198 -14.58 11.75 -5.74
N ILE B 199 -14.94 10.52 -5.36
CA ILE B 199 -16.34 10.17 -5.11
C ILE B 199 -16.37 9.36 -3.81
N ALA B 200 -17.48 9.40 -3.07
CA ALA B 200 -17.64 8.56 -1.88
C ALA B 200 -18.95 7.80 -1.96
N LEU B 201 -18.93 6.58 -1.46
CA LEU B 201 -20.14 5.75 -1.38
C LEU B 201 -20.53 5.65 0.08
N GLY B 202 -19.69 6.22 0.94
CA GLY B 202 -19.89 6.22 2.37
C GLY B 202 -18.87 7.14 3.04
N ALA B 203 -19.34 7.91 4.03
CA ALA B 203 -18.48 8.83 4.77
C ALA B 203 -17.49 8.08 5.66
N CYS B 204 -16.46 8.80 6.14
CA CYS B 204 -15.45 8.23 7.03
C CYS B 204 -15.93 8.21 8.49
N LEU B 216 -25.72 8.73 5.08
CA LEU B 216 -25.90 9.50 3.88
C LEU B 216 -27.10 9.02 3.04
N ALA B 217 -26.89 7.99 2.18
CA ALA B 217 -27.94 7.43 1.31
C ALA B 217 -27.60 6.01 0.89
N ASP B 218 -28.57 5.36 0.27
CA ASP B 218 -28.38 4.04 -0.25
C ASP B 218 -28.06 4.08 -1.72
N ASN B 219 -27.14 3.22 -2.17
CA ASN B 219 -26.85 3.10 -3.60
C ASN B 219 -26.68 4.50 -4.24
N GLU B 220 -26.36 5.46 -3.41
CA GLU B 220 -26.13 6.82 -3.85
C GLU B 220 -24.66 7.15 -3.57
N MET B 221 -24.10 8.10 -4.32
CA MET B 221 -22.73 8.55 -4.06
C MET B 221 -22.66 10.05 -3.94
N GLU B 222 -21.67 10.51 -3.21
CA GLU B 222 -21.39 11.93 -3.11
C GLU B 222 -20.36 12.12 -4.23
N PHE B 223 -20.77 12.83 -5.28
CA PHE B 223 -19.94 13.00 -6.46
C PHE B 223 -19.12 14.30 -6.36
N GLY B 224 -17.79 14.19 -6.44
CA GLY B 224 -16.90 15.35 -6.34
C GLY B 224 -16.66 15.69 -4.88
N VAL B 225 -16.59 14.65 -4.04
CA VAL B 225 -16.39 14.80 -2.59
C VAL B 225 -15.01 15.29 -2.24
N GLY B 226 -14.92 15.90 -1.05
CA GLY B 226 -13.65 16.41 -0.55
C GLY B 226 -13.05 15.44 0.48
N ILE B 227 -11.72 15.48 0.67
CA ILE B 227 -11.01 14.55 1.59
C ILE B 227 -11.25 14.81 3.07
N HIS B 228 -12.06 15.81 3.38
CA HIS B 228 -12.42 16.08 4.76
C HIS B 228 -13.91 15.86 4.93
N GLY B 229 -14.55 15.19 3.97
CA GLY B 229 -15.99 14.99 4.07
C GLY B 229 -16.84 16.09 3.47
N GLU B 230 -16.22 17.18 2.97
CA GLU B 230 -17.00 18.26 2.33
C GLU B 230 -17.92 17.68 1.26
N PRO B 231 -19.08 18.32 1.06
CA PRO B 231 -19.99 17.91 -0.02
C PRO B 231 -19.37 18.08 -1.40
N GLY B 232 -19.85 17.31 -2.36
CA GLY B 232 -19.37 17.37 -3.73
C GLY B 232 -20.27 18.24 -4.58
N ILE B 233 -20.24 18.01 -5.88
CA ILE B 233 -21.08 18.70 -6.82
C ILE B 233 -22.53 18.34 -6.42
N ASP B 234 -22.79 17.05 -6.22
CA ASP B 234 -24.12 16.58 -5.86
C ASP B 234 -24.11 15.15 -5.31
N ARG B 235 -25.30 14.66 -4.96
CA ARG B 235 -25.49 13.27 -4.58
C ARG B 235 -26.19 12.70 -5.80
N ARG B 236 -25.79 11.52 -6.24
CA ARG B 236 -26.40 10.91 -7.41
C ARG B 236 -26.39 9.40 -7.25
N PRO B 237 -27.17 8.69 -8.04
CA PRO B 237 -27.18 7.22 -7.93
C PRO B 237 -25.89 6.57 -8.43
N PHE B 238 -25.45 5.54 -7.71
CA PHE B 238 -24.33 4.74 -8.16
C PHE B 238 -24.97 3.67 -9.02
N SER B 239 -24.60 3.61 -10.29
CA SER B 239 -25.16 2.62 -11.19
C SER B 239 -24.17 1.45 -11.37
N SER B 240 -22.91 1.79 -11.62
CA SER B 240 -21.82 0.82 -11.75
C SER B 240 -20.46 1.54 -11.63
N LEU B 241 -19.41 0.73 -11.48
CA LEU B 241 -18.05 1.24 -11.41
C LEU B 241 -17.66 1.94 -12.71
N ASP B 242 -17.83 1.26 -13.83
CA ASP B 242 -17.56 1.84 -15.13
C ASP B 242 -18.30 3.17 -15.38
N GLN B 243 -19.58 3.25 -14.99
CA GLN B 243 -20.35 4.49 -15.18
C GLN B 243 -19.85 5.60 -14.27
N THR B 244 -19.48 5.26 -13.06
CA THR B 244 -18.91 6.23 -12.15
C THR B 244 -17.59 6.80 -12.68
N VAL B 245 -16.73 5.92 -13.19
CA VAL B 245 -15.45 6.36 -13.71
C VAL B 245 -15.68 7.27 -14.93
N ASP B 246 -16.68 6.95 -15.75
CA ASP B 246 -16.95 7.76 -16.94
C ASP B 246 -17.33 9.18 -16.56
N GLU B 247 -18.16 9.30 -15.53
CA GLU B 247 -18.62 10.61 -15.05
C GLU B 247 -17.47 11.38 -14.43
N MET B 248 -16.59 10.67 -13.71
CA MET B 248 -15.44 11.33 -13.06
C MET B 248 -14.52 11.84 -14.13
N PHE B 249 -14.26 10.99 -15.13
CA PHE B 249 -13.37 11.32 -16.21
C PHE B 249 -13.91 12.48 -17.10
N ASP B 250 -15.20 12.43 -17.41
CA ASP B 250 -15.83 13.51 -18.16
C ASP B 250 -15.63 14.82 -17.43
N THR B 251 -15.84 14.79 -16.11
CA THR B 251 -15.66 15.98 -15.30
C THR B 251 -14.22 16.46 -15.36
N LEU B 252 -13.24 15.55 -15.28
CA LEU B 252 -11.88 16.04 -15.39
C LEU B 252 -11.68 16.77 -16.76
N LEU B 253 -12.30 16.29 -17.83
CA LEU B 253 -12.12 16.93 -19.13
C LEU B 253 -12.78 18.33 -19.21
N VAL B 254 -13.98 18.46 -18.65
CA VAL B 254 -14.74 19.71 -18.80
C VAL B 254 -14.51 20.78 -17.73
N ASN B 255 -13.89 20.41 -16.60
CA ASN B 255 -13.66 21.33 -15.47
C ASN B 255 -12.20 21.77 -15.39
N GLY B 256 -11.38 21.38 -16.38
CA GLY B 256 -9.93 21.65 -16.36
C GLY B 256 -9.51 23.11 -16.44
N SER B 257 -10.25 23.93 -17.21
CA SER B 257 -9.90 25.34 -17.36
C SER B 257 -10.11 26.12 -16.09
N TYR B 258 -9.10 26.91 -15.67
CA TYR B 258 -9.22 27.57 -14.39
C TYR B 258 -8.24 28.69 -14.31
N HIS B 259 -8.70 29.85 -13.85
CA HIS B 259 -7.78 30.99 -13.68
C HIS B 259 -8.05 31.46 -12.27
N ARG B 260 -7.00 31.73 -11.51
CA ARG B 260 -7.16 32.19 -10.13
C ARG B 260 -5.87 32.74 -9.59
N THR B 261 -5.96 33.40 -8.46
CA THR B 261 -4.75 33.97 -7.85
C THR B 261 -4.19 32.99 -6.78
N LEU B 262 -2.87 32.75 -6.76
CA LEU B 262 -2.29 31.93 -5.66
C LEU B 262 -1.18 32.78 -5.08
N ARG B 263 -1.19 33.02 -3.79
CA ARG B 263 -0.08 33.79 -3.27
C ARG B 263 1.13 32.90 -3.01
N PHE B 264 2.32 33.49 -3.12
CA PHE B 264 3.52 32.75 -2.82
C PHE B 264 4.46 33.72 -2.11
N TRP B 265 5.38 33.18 -1.30
CA TRP B 265 6.34 34.00 -0.55
C TRP B 265 7.50 34.44 -1.42
N ASP B 266 7.62 35.75 -1.65
CA ASP B 266 8.81 36.24 -2.38
C ASP B 266 9.84 36.48 -1.29
N TYR B 267 10.86 35.63 -1.20
CA TYR B 267 11.88 35.75 -0.12
C TYR B 267 12.86 36.90 -0.32
N GLN B 268 12.94 37.44 -1.52
CA GLN B 268 13.82 38.58 -1.77
C GLN B 268 13.19 39.90 -1.28
N GLN B 269 11.89 40.04 -1.47
CA GLN B 269 11.19 41.20 -1.04
C GLN B 269 10.70 41.03 0.41
N GLY B 270 10.54 39.79 0.85
CA GLY B 270 10.00 39.52 2.17
C GLY B 270 8.53 39.87 2.22
N SER B 271 7.76 39.41 1.24
CA SER B 271 6.32 39.66 1.17
C SER B 271 5.56 38.66 0.31
N TRP B 272 4.25 38.62 0.52
CA TRP B 272 3.40 37.77 -0.28
C TRP B 272 3.20 38.43 -1.68
N GLN B 273 3.32 37.60 -2.72
CA GLN B 273 3.10 38.01 -4.10
C GLN B 273 1.86 37.29 -4.62
N GLU B 274 0.92 38.07 -5.15
CA GLU B 274 -0.33 37.56 -5.72
C GLU B 274 0.03 37.22 -7.17
N GLU B 275 -0.15 35.99 -7.57
CA GLU B 275 0.28 35.58 -8.92
C GLU B 275 -0.94 34.98 -9.57
N GLN B 276 -1.40 35.53 -10.69
CA GLN B 276 -2.53 34.93 -11.42
C GLN B 276 -1.92 33.65 -12.01
N GLN B 277 -2.63 32.53 -11.92
CA GLN B 277 -2.09 31.27 -12.43
C GLN B 277 -3.20 30.70 -13.30
N THR B 278 -2.78 30.00 -14.35
CA THR B 278 -3.69 29.44 -15.31
C THR B 278 -3.57 27.95 -15.57
N LYS B 279 -4.73 27.26 -15.64
CA LYS B 279 -4.71 25.85 -16.01
C LYS B 279 -5.43 25.71 -17.35
N GLN B 280 -4.92 24.83 -18.22
CA GLN B 280 -5.56 24.53 -19.49
C GLN B 280 -6.30 23.23 -19.22
N PRO B 281 -7.40 22.99 -19.92
CA PRO B 281 -8.10 21.71 -19.75
C PRO B 281 -7.19 20.59 -20.30
N LEU B 282 -7.40 19.36 -19.85
CA LEU B 282 -6.68 18.25 -20.45
C LEU B 282 -7.25 18.11 -21.85
N GLN B 283 -6.44 17.66 -22.80
CA GLN B 283 -6.90 17.53 -24.19
C GLN B 283 -6.12 16.44 -24.96
N SER B 284 -6.66 16.07 -26.11
CA SER B 284 -6.03 15.08 -26.98
C SER B 284 -4.55 15.40 -27.21
N GLY B 285 -3.68 14.39 -27.14
CA GLY B 285 -2.26 14.63 -27.31
C GLY B 285 -1.48 14.76 -25.95
N ASP B 286 -2.16 14.96 -24.84
CA ASP B 286 -1.46 15.09 -23.54
C ASP B 286 -0.98 13.75 -23.10
N ARG B 287 0.17 13.77 -22.43
CA ARG B 287 0.74 12.57 -21.84
C ARG B 287 0.53 12.80 -20.37
N VAL B 288 0.09 11.76 -19.65
CA VAL B 288 -0.25 11.94 -18.23
C VAL B 288 0.31 10.85 -17.33
N ILE B 289 0.44 11.17 -16.06
CA ILE B 289 0.66 10.16 -15.02
C ILE B 289 -0.73 10.04 -14.38
N ALA B 290 -1.23 8.81 -14.21
CA ALA B 290 -2.51 8.58 -13.54
C ALA B 290 -2.35 8.03 -12.13
N LEU B 291 -3.06 8.66 -11.20
CA LEU B 291 -3.08 8.15 -9.83
C LEU B 291 -4.55 7.77 -9.50
N VAL B 292 -4.77 6.47 -9.30
CA VAL B 292 -6.07 5.92 -8.84
C VAL B 292 -5.86 5.64 -7.35
N ASN B 293 -6.59 6.39 -6.55
CA ASN B 293 -6.30 6.51 -5.15
C ASN B 293 -7.47 6.09 -4.31
N ASN B 294 -7.22 5.20 -3.36
CA ASN B 294 -8.27 4.72 -2.42
C ASN B 294 -8.44 5.79 -1.34
N LEU B 295 -9.66 6.29 -1.16
CA LEU B 295 -9.90 7.32 -0.12
C LEU B 295 -10.01 6.61 1.24
N GLY B 296 -10.13 5.28 1.22
CA GLY B 296 -10.09 4.57 2.50
C GLY B 296 -10.45 3.09 2.58
N ALA B 297 -11.63 2.75 2.06
CA ALA B 297 -12.13 1.41 2.23
C ALA B 297 -12.45 0.77 0.90
N THR B 298 -11.81 1.19 -0.19
CA THR B 298 -12.13 0.59 -1.47
C THR B 298 -11.14 -0.54 -1.69
N PRO B 299 -11.63 -1.75 -1.97
CA PRO B 299 -10.74 -2.88 -2.23
C PRO B 299 -9.83 -2.61 -3.44
N LEU B 300 -8.58 -3.06 -3.34
CA LEU B 300 -7.60 -2.91 -4.41
C LEU B 300 -8.14 -3.52 -5.73
N SER B 301 -8.84 -4.64 -5.66
CA SER B 301 -9.41 -5.21 -6.86
C SER B 301 -10.29 -4.20 -7.60
N GLU B 302 -11.06 -3.43 -6.86
CA GLU B 302 -11.92 -2.46 -7.48
C GLU B 302 -11.07 -1.32 -8.11
N LEU B 303 -9.97 -0.91 -7.46
CA LEU B 303 -9.11 0.15 -8.06
C LEU B 303 -8.54 -0.28 -9.39
N TYR B 304 -8.21 -1.55 -9.52
CA TYR B 304 -7.75 -2.02 -10.83
C TYR B 304 -8.89 -1.96 -11.87
N GLY B 305 -10.11 -2.25 -11.47
CA GLY B 305 -11.24 -2.16 -12.41
C GLY B 305 -11.38 -0.69 -12.81
N VAL B 306 -11.22 0.20 -11.84
CA VAL B 306 -11.24 1.64 -12.13
C VAL B 306 -10.13 1.97 -13.13
N TYR B 307 -8.92 1.48 -12.88
CA TYR B 307 -7.82 1.78 -13.80
C TYR B 307 -8.13 1.26 -15.18
N ASN B 308 -8.80 0.11 -15.26
CA ASN B 308 -9.04 -0.48 -16.58
C ASN B 308 -9.95 0.45 -17.40
N ARG B 309 -11.01 0.94 -16.77
CA ARG B 309 -11.94 1.85 -17.47
C ARG B 309 -11.25 3.18 -17.78
N LEU B 310 -10.49 3.70 -16.83
CA LEU B 310 -9.72 4.94 -17.08
C LEU B 310 -8.81 4.84 -18.32
N THR B 311 -8.08 3.72 -18.48
CA THR B 311 -7.23 3.59 -19.66
C THR B 311 -8.05 3.67 -20.95
N THR B 312 -9.21 3.02 -20.98
CA THR B 312 -10.04 3.05 -22.19
C THR B 312 -10.47 4.50 -22.47
N ARG B 313 -10.91 5.23 -21.45
CA ARG B 313 -11.37 6.59 -21.67
C ARG B 313 -10.23 7.54 -22.06
N CYS B 314 -9.06 7.35 -21.48
CA CYS B 314 -7.92 8.15 -21.86
C CYS B 314 -7.56 7.85 -23.34
N GLN B 315 -7.52 6.58 -23.72
CA GLN B 315 -7.22 6.25 -25.12
C GLN B 315 -8.25 6.90 -26.07
N GLN B 316 -9.52 6.85 -25.72
CA GLN B 316 -10.54 7.47 -26.64
C GLN B 316 -10.40 8.99 -26.77
N ALA B 317 -10.06 9.64 -25.65
CA ALA B 317 -9.88 11.08 -25.60
C ALA B 317 -8.52 11.57 -26.16
N GLY B 318 -7.65 10.66 -26.51
CA GLY B 318 -6.35 11.06 -27.01
C GLY B 318 -5.27 11.32 -25.97
N LEU B 319 -5.46 10.84 -24.72
CA LEU B 319 -4.47 11.01 -23.63
C LEU B 319 -3.62 9.74 -23.52
N THR B 320 -2.30 9.88 -23.42
CA THR B 320 -1.43 8.71 -23.25
C THR B 320 -1.02 8.54 -21.78
N ILE B 321 -1.44 7.49 -21.10
CA ILE B 321 -1.00 7.35 -19.71
C ILE B 321 0.43 6.77 -19.77
N GLU B 322 1.41 7.50 -19.28
CA GLU B 322 2.80 7.02 -19.35
C GLU B 322 3.25 6.23 -18.10
N ARG B 323 2.68 6.58 -16.95
CA ARG B 323 2.97 5.93 -15.67
C ARG B 323 1.68 5.97 -14.82
N ASN B 324 1.58 5.08 -13.84
CA ASN B 324 0.42 5.11 -12.93
C ASN B 324 0.84 4.75 -11.53
N LEU B 325 0.00 5.15 -10.56
CA LEU B 325 0.12 4.76 -9.19
C LEU B 325 -1.32 4.31 -8.84
N ILE B 326 -1.47 3.14 -8.22
CA ILE B 326 -2.81 2.61 -7.83
C ILE B 326 -2.69 2.14 -6.39
N GLY B 327 -3.39 2.80 -5.47
CA GLY B 327 -3.28 2.36 -4.08
C GLY B 327 -3.83 3.38 -3.13
N ALA B 328 -3.55 3.22 -1.83
CA ALA B 328 -4.02 4.19 -0.84
C ALA B 328 -2.92 5.26 -0.60
N TYR B 329 -3.00 6.40 -1.29
CA TYR B 329 -1.94 7.44 -1.21
C TYR B 329 -2.32 8.76 -0.58
N CYS B 330 -3.63 9.02 -0.54
CA CYS B 330 -4.12 10.27 0.07
C CYS B 330 -5.51 9.89 0.55
N THR B 331 -5.63 9.55 1.83
CA THR B 331 -6.91 9.02 2.26
C THR B 331 -7.75 10.01 3.08
N SER B 332 -8.90 9.55 3.51
CA SER B 332 -9.78 10.30 4.35
C SER B 332 -10.26 9.27 5.36
N LEU B 333 -9.47 9.06 6.40
CA LEU B 333 -9.77 8.03 7.38
C LEU B 333 -10.24 6.74 6.68
N ASP B 334 -11.43 6.27 7.02
CA ASP B 334 -11.95 5.03 6.45
C ASP B 334 -13.08 5.30 5.45
N MET B 335 -13.05 6.46 4.79
CA MET B 335 -14.10 6.78 3.83
C MET B 335 -14.16 5.72 2.77
N THR B 336 -15.35 5.41 2.31
CA THR B 336 -15.48 4.46 1.23
C THR B 336 -15.56 5.28 -0.05
N GLY B 337 -14.52 5.23 -0.88
CA GLY B 337 -14.55 5.95 -2.14
C GLY B 337 -13.17 5.95 -2.77
N PHE B 338 -12.98 6.73 -3.83
CA PHE B 338 -11.68 6.75 -4.45
C PHE B 338 -11.60 7.99 -5.27
N SER B 339 -10.39 8.38 -5.66
CA SER B 339 -10.30 9.52 -6.55
C SER B 339 -9.41 9.17 -7.73
N ILE B 340 -9.54 10.00 -8.75
CA ILE B 340 -8.71 9.85 -9.94
C ILE B 340 -7.98 11.17 -10.15
N THR B 341 -6.68 11.07 -10.39
CA THR B 341 -5.85 12.26 -10.66
C THR B 341 -5.10 12.06 -11.98
N LEU B 342 -5.06 13.08 -12.84
CA LEU B 342 -4.33 12.95 -14.09
C LEU B 342 -3.44 14.16 -14.10
N LEU B 343 -2.14 13.94 -14.29
CA LEU B 343 -1.16 15.02 -14.31
C LEU B 343 -0.44 15.04 -15.67
N LYS B 344 -0.54 16.14 -16.39
CA LYS B 344 0.10 16.29 -17.71
C LYS B 344 1.60 16.33 -17.48
N VAL B 345 2.37 15.59 -18.28
CA VAL B 345 3.82 15.58 -18.06
C VAL B 345 4.54 15.63 -19.43
N ASP B 346 5.87 15.79 -19.39
CA ASP B 346 6.72 15.71 -20.58
C ASP B 346 7.92 14.81 -20.26
N ASP B 347 8.89 14.71 -21.15
CA ASP B 347 10.04 13.81 -20.90
C ASP B 347 10.83 14.20 -19.65
N GLU B 348 11.06 15.48 -19.43
CA GLU B 348 11.78 15.92 -18.25
C GLU B 348 11.07 15.49 -16.98
N THR B 349 9.75 15.66 -16.95
CA THR B 349 8.95 15.32 -15.79
C THR B 349 8.89 13.82 -15.58
N LEU B 350 8.82 13.06 -16.67
CA LEU B 350 8.82 11.60 -16.57
C LEU B 350 10.16 11.12 -16.00
N ALA B 351 11.27 11.79 -16.33
CA ALA B 351 12.57 11.42 -15.78
C ALA B 351 12.56 11.67 -14.27
N LEU B 352 11.94 12.77 -13.83
CA LEU B 352 11.90 13.01 -12.38
C LEU B 352 11.00 11.94 -11.71
N TRP B 353 9.94 11.52 -12.39
CA TRP B 353 9.08 10.44 -11.84
C TRP B 353 9.90 9.18 -11.66
N ASP B 354 10.68 8.80 -12.68
CA ASP B 354 11.44 7.53 -12.62
C ASP B 354 12.67 7.59 -11.70
N ALA B 355 13.05 8.78 -11.25
CA ALA B 355 14.23 8.89 -10.41
C ALA B 355 14.01 8.15 -9.09
N PRO B 356 15.10 7.75 -8.43
CA PRO B 356 15.01 7.03 -7.17
C PRO B 356 14.20 7.76 -6.09
N VAL B 357 13.42 6.97 -5.34
CA VAL B 357 12.66 7.44 -4.19
C VAL B 357 12.67 6.33 -3.14
N HIS B 358 12.92 6.69 -1.89
CA HIS B 358 12.96 5.69 -0.82
C HIS B 358 12.22 6.25 0.38
N THR B 359 10.94 5.92 0.45
CA THR B 359 10.08 6.38 1.54
C THR B 359 9.23 5.21 1.99
N PRO B 360 8.58 5.34 3.15
CA PRO B 360 7.65 4.30 3.59
C PRO B 360 6.63 3.87 2.56
N ALA B 361 6.00 4.82 1.86
CA ALA B 361 4.94 4.52 0.91
C ALA B 361 5.40 4.29 -0.54
N LEU B 362 6.50 4.92 -0.97
CA LEU B 362 6.97 4.82 -2.34
C LEU B 362 8.43 4.42 -2.40
N ASN B 363 8.71 3.36 -3.11
CA ASN B 363 10.10 2.89 -3.18
C ASN B 363 10.42 2.33 -4.54
N TRP B 364 11.37 2.98 -5.22
CA TRP B 364 11.93 2.45 -6.45
C TRP B 364 13.30 3.05 -6.72
N GLY B 365 14.12 2.32 -7.47
CA GLY B 365 15.48 2.77 -7.77
C GLY B 365 15.71 3.08 -9.23
N LYS B 366 14.67 2.96 -10.06
CA LYS B 366 14.82 3.24 -11.49
C LYS B 366 13.65 4.07 -12.02
S SO4 C . 5.63 -2.70 -13.14
O1 SO4 C . 6.21 -3.23 -11.94
O2 SO4 C . 4.58 -1.82 -12.64
O3 SO4 C . 5.15 -3.77 -13.97
O4 SO4 C . 6.55 -1.93 -13.89
S SO4 D . 12.70 2.28 6.77
O1 SO4 D . 12.69 2.77 5.44
O2 SO4 D . 11.43 1.64 7.00
O3 SO4 D . 12.87 3.32 7.77
O4 SO4 D . 13.72 1.28 6.90
#